data_4O5X
# 
_entry.id   4O5X 
# 
_audit_conform.dict_name       mmcif_pdbx.dic 
_audit_conform.dict_version    5.388 
_audit_conform.dict_location   http://mmcif.pdb.org/dictionaries/ascii/mmcif_pdbx.dic 
# 
loop_
_database_2.database_id 
_database_2.database_code 
_database_2.pdbx_database_accession 
_database_2.pdbx_DOI 
PDB   4O5X         pdb_00004o5x 10.2210/pdb4o5x/pdb 
NDB   NA2870       ?            ?                   
RCSB  RCSB084082   ?            ?                   
WWPDB D_1000084082 ?            ?                   
# 
loop_
_pdbx_audit_revision_history.ordinal 
_pdbx_audit_revision_history.data_content_type 
_pdbx_audit_revision_history.major_revision 
_pdbx_audit_revision_history.minor_revision 
_pdbx_audit_revision_history.revision_date 
1 'Structure model' 1 0 2014-07-02 
2 'Structure model' 1 1 2017-11-22 
3 'Structure model' 1 2 2024-03-20 
# 
_pdbx_audit_revision_details.ordinal             1 
_pdbx_audit_revision_details.revision_ordinal    1 
_pdbx_audit_revision_details.data_content_type   'Structure model' 
_pdbx_audit_revision_details.provider            repository 
_pdbx_audit_revision_details.type                'Initial release' 
_pdbx_audit_revision_details.description         ? 
_pdbx_audit_revision_details.details             ? 
# 
loop_
_pdbx_audit_revision_group.ordinal 
_pdbx_audit_revision_group.revision_ordinal 
_pdbx_audit_revision_group.data_content_type 
_pdbx_audit_revision_group.group 
1 2 'Structure model' 'Refinement description' 
2 3 'Structure model' 'Data collection'        
3 3 'Structure model' 'Database references'    
4 3 'Structure model' 'Derived calculations'   
# 
loop_
_pdbx_audit_revision_category.ordinal 
_pdbx_audit_revision_category.revision_ordinal 
_pdbx_audit_revision_category.data_content_type 
_pdbx_audit_revision_category.category 
1 2 'Structure model' software               
2 3 'Structure model' chem_comp_atom         
3 3 'Structure model' chem_comp_bond         
4 3 'Structure model' database_2             
5 3 'Structure model' pdbx_struct_conn_angle 
6 3 'Structure model' struct_conn            
7 3 'Structure model' struct_site            
# 
loop_
_pdbx_audit_revision_item.ordinal 
_pdbx_audit_revision_item.revision_ordinal 
_pdbx_audit_revision_item.data_content_type 
_pdbx_audit_revision_item.item 
1  2 'Structure model' '_software.name'                              
2  3 'Structure model' '_database_2.pdbx_DOI'                        
3  3 'Structure model' '_database_2.pdbx_database_accession'         
4  3 'Structure model' '_pdbx_struct_conn_angle.ptnr1_auth_asym_id'  
5  3 'Structure model' '_pdbx_struct_conn_angle.ptnr1_auth_seq_id'   
6  3 'Structure model' '_pdbx_struct_conn_angle.ptnr1_label_asym_id' 
7  3 'Structure model' '_pdbx_struct_conn_angle.ptnr3_auth_asym_id'  
8  3 'Structure model' '_pdbx_struct_conn_angle.ptnr3_auth_seq_id'   
9  3 'Structure model' '_pdbx_struct_conn_angle.ptnr3_label_asym_id' 
10 3 'Structure model' '_pdbx_struct_conn_angle.value'               
11 3 'Structure model' '_struct_conn.pdbx_dist_value'                
12 3 'Structure model' '_struct_conn.pdbx_leaving_atom_flag'         
13 3 'Structure model' '_struct_conn.ptnr2_auth_asym_id'             
14 3 'Structure model' '_struct_conn.ptnr2_auth_seq_id'              
15 3 'Structure model' '_struct_conn.ptnr2_label_asym_id'            
16 3 'Structure model' '_struct_site.pdbx_auth_asym_id'              
17 3 'Structure model' '_struct_site.pdbx_auth_comp_id'              
18 3 'Structure model' '_struct_site.pdbx_auth_seq_id'               
# 
_pdbx_database_status.entry_id                        4O5X 
_pdbx_database_status.status_code                     REL 
_pdbx_database_status.methods_development_category    ? 
_pdbx_database_status.deposit_site                    RCSB 
_pdbx_database_status.process_site                    PDBJ 
_pdbx_database_status.recvd_initial_deposition_date   2013-12-20 
_pdbx_database_status.status_code_sf                  REL 
_pdbx_database_status.status_code_mr                  ? 
_pdbx_database_status.SG_entry                        ? 
_pdbx_database_status.status_code_cs                  ? 
_pdbx_database_status.pdb_format_compatible           Y 
_pdbx_database_status.status_code_nmr_data            ? 
# 
loop_
_pdbx_database_related.db_name 
_pdbx_database_related.db_id 
_pdbx_database_related.details 
_pdbx_database_related.content_type 
PDB 4ITD . unspecified 
PDB 4IJ0 . unspecified 
PDB 4O5W . unspecified 
PDB 4O5Y . unspecified 
PDB 4O5Z . unspecified 
# 
loop_
_audit_author.name 
_audit_author.pdbx_ordinal 
'Zhang, F.'        1 
'Tsunoda, M.'      2 
'Suzuki, K.'       3 
'Kikuchi, Y.'      4 
'Wilkinson, O.'    5 
'Millington, C.L.' 6 
'Margison, G.P.'   7 
'Williams, D.M.'   8 
'Takenaka, A.'     9 
# 
_citation.id                        primary 
_citation.title                     
'O(6)-Carboxymethylguanine in DNA forms a sequence context-dependent wobble base-pair structure with thymine' 
_citation.journal_abbrev            'Acta Crystallogr.,Sect.D' 
_citation.journal_volume            70 
_citation.page_first                1669 
_citation.page_last                 1679 
_citation.year                      2014 
_citation.journal_id_ASTM           ABCRE6 
_citation.country                   DK 
_citation.journal_id_ISSN           0907-4449 
_citation.journal_id_CSD            0766 
_citation.book_publisher            ? 
_citation.pdbx_database_id_PubMed   24914978 
_citation.pdbx_database_id_DOI      10.1107/S1399004714006178 
# 
loop_
_citation_author.citation_id 
_citation_author.name 
_citation_author.ordinal 
_citation_author.identifier_ORCID 
primary 'Zhang, F.'        1 ? 
primary 'Tsunoda, M.'      2 ? 
primary 'Kikuchi, Y.'      3 ? 
primary 'Wilkinson, O.'    4 ? 
primary 'Millington, C.L.' 5 ? 
primary 'Margison, G.P.'   6 ? 
primary 'Williams, D.M.'   7 ? 
primary 'Takenaka, A.'     8 ? 
# 
loop_
_entity.id 
_entity.type 
_entity.src_method 
_entity.pdbx_description 
_entity.formula_weight 
_entity.pdbx_number_of_molecules 
_entity.pdbx_ec 
_entity.pdbx_mutation 
_entity.pdbx_fragment 
_entity.details 
1 polymer     syn 
;DNA (5'-D(*CP*GP*CP*(C6G)P*AP*AP*TP*TP*TP*GP*CP*G)-3')
;
3736.439 2  ? ? ? 'damaged DNA' 
2 non-polymer syn "2'-(4-HYDROXYPHENYL)-5-(4-METHYL-1-PIPERAZINYL)-2,5'-BI-BENZIMIDAZOLE" 424.498  1  ? ? ? ?             
3 non-polymer syn 'MAGNESIUM ION'                                                         24.305   1  ? ? ? ?             
4 water       nat water                                                                   18.015   81 ? ? ? ?             
# 
_entity_poly.entity_id                      1 
_entity_poly.type                           polydeoxyribonucleotide 
_entity_poly.nstd_linkage                   no 
_entity_poly.nstd_monomer                   yes 
_entity_poly.pdbx_seq_one_letter_code       '(DC)(DG)(DC)(C6G)(DA)(DA)(DT)(DT)(DT)(DG)(DC)(DG)' 
_entity_poly.pdbx_seq_one_letter_code_can   CGCXAATTTGCG 
_entity_poly.pdbx_strand_id                 A,B 
_entity_poly.pdbx_target_identifier         ? 
# 
loop_
_pdbx_entity_nonpoly.entity_id 
_pdbx_entity_nonpoly.name 
_pdbx_entity_nonpoly.comp_id 
2 "2'-(4-HYDROXYPHENYL)-5-(4-METHYL-1-PIPERAZINYL)-2,5'-BI-BENZIMIDAZOLE" HT  
3 'MAGNESIUM ION'                                                         MG  
4 water                                                                   HOH 
# 
loop_
_entity_poly_seq.entity_id 
_entity_poly_seq.num 
_entity_poly_seq.mon_id 
_entity_poly_seq.hetero 
1 1  DC  n 
1 2  DG  n 
1 3  DC  n 
1 4  C6G n 
1 5  DA  n 
1 6  DA  n 
1 7  DT  n 
1 8  DT  n 
1 9  DT  n 
1 10 DG  n 
1 11 DC  n 
1 12 DG  n 
# 
loop_
_chem_comp.id 
_chem_comp.type 
_chem_comp.mon_nstd_flag 
_chem_comp.name 
_chem_comp.pdbx_synonyms 
_chem_comp.formula 
_chem_comp.formula_weight 
C6G 'DNA linking' n '6-(carboxymethoxy)-9-(2-deoxy-5-O-phosphono-beta-D-erythro-pentofuranosyl)-9H-purin-2-amine' ?               
'C12 H16 N5 O9 P' 405.257 
DA  'DNA linking' y "2'-DEOXYADENOSINE-5'-MONOPHOSPHATE"                                                          ?               
'C10 H14 N5 O6 P' 331.222 
DC  'DNA linking' y "2'-DEOXYCYTIDINE-5'-MONOPHOSPHATE"                                                           ?               
'C9 H14 N3 O7 P'  307.197 
DG  'DNA linking' y "2'-DEOXYGUANOSINE-5'-MONOPHOSPHATE"                                                          ?               
'C10 H14 N5 O7 P' 347.221 
DT  'DNA linking' y "THYMIDINE-5'-MONOPHOSPHATE"                                                                  ?               
'C10 H15 N2 O8 P' 322.208 
HOH non-polymer   . WATER                                                                                         ?               
'H2 O'            18.015  
HT  non-polymer   . "2'-(4-HYDROXYPHENYL)-5-(4-METHYL-1-PIPERAZINYL)-2,5'-BI-BENZIMIDAZOLE"                       'HOECHST 33258' 
'C25 H24 N6 O'    424.498 
MG  non-polymer   . 'MAGNESIUM ION'                                                                               ?               
'Mg 2'            24.305  
# 
loop_
_pdbx_poly_seq_scheme.asym_id 
_pdbx_poly_seq_scheme.entity_id 
_pdbx_poly_seq_scheme.seq_id 
_pdbx_poly_seq_scheme.mon_id 
_pdbx_poly_seq_scheme.ndb_seq_num 
_pdbx_poly_seq_scheme.pdb_seq_num 
_pdbx_poly_seq_scheme.auth_seq_num 
_pdbx_poly_seq_scheme.pdb_mon_id 
_pdbx_poly_seq_scheme.auth_mon_id 
_pdbx_poly_seq_scheme.pdb_strand_id 
_pdbx_poly_seq_scheme.pdb_ins_code 
_pdbx_poly_seq_scheme.hetero 
A 1 1  DC  1  1  1  DC  DC  A . n 
A 1 2  DG  2  2  2  DG  DG  A . n 
A 1 3  DC  3  3  3  DC  DC  A . n 
A 1 4  C6G 4  4  4  C6G C6G A . n 
A 1 5  DA  5  5  5  DA  DA  A . n 
A 1 6  DA  6  6  6  DA  DA  A . n 
A 1 7  DT  7  7  7  DT  DT  A . n 
A 1 8  DT  8  8  8  DT  DT  A . n 
A 1 9  DT  9  9  9  DT  DT  A . n 
A 1 10 DG  10 10 10 DG  DG  A . n 
A 1 11 DC  11 11 11 DC  DC  A . n 
A 1 12 DG  12 12 12 DG  DG  A . n 
B 1 1  DC  1  13 13 DC  DC  B . n 
B 1 2  DG  2  14 14 DG  DG  B . n 
B 1 3  DC  3  15 15 DC  DC  B . n 
B 1 4  C6G 4  16 16 C6G C6G B . n 
B 1 5  DA  5  17 17 DA  DA  B . n 
B 1 6  DA  6  18 18 DA  DA  B . n 
B 1 7  DT  7  19 19 DT  DT  B . n 
B 1 8  DT  8  20 20 DT  DT  B . n 
B 1 9  DT  9  21 21 DT  DT  B . n 
B 1 10 DG  10 22 22 DG  DG  B . n 
B 1 11 DC  11 23 23 DC  DC  B . n 
B 1 12 DG  12 24 24 DG  DG  B . n 
# 
loop_
_pdbx_nonpoly_scheme.asym_id 
_pdbx_nonpoly_scheme.entity_id 
_pdbx_nonpoly_scheme.mon_id 
_pdbx_nonpoly_scheme.ndb_seq_num 
_pdbx_nonpoly_scheme.pdb_seq_num 
_pdbx_nonpoly_scheme.auth_seq_num 
_pdbx_nonpoly_scheme.pdb_mon_id 
_pdbx_nonpoly_scheme.auth_mon_id 
_pdbx_nonpoly_scheme.pdb_strand_id 
_pdbx_nonpoly_scheme.pdb_ins_code 
C 2 HT  1  101 59  HT  HT  A . 
D 3 MG  1  102 3   MG  MG  A . 
E 4 HOH 1  201 1   HOH HOH A . 
E 4 HOH 2  202 2   HOH HOH A . 
E 4 HOH 3  203 5   HOH HOH A . 
E 4 HOH 4  204 6   HOH HOH A . 
E 4 HOH 5  205 8   HOH HOH A . 
E 4 HOH 6  206 20  HOH HOH A . 
E 4 HOH 7  207 21  HOH HOH A . 
E 4 HOH 8  208 40  HOH HOH A . 
E 4 HOH 9  209 43  HOH HOH A . 
E 4 HOH 10 210 79  HOH HOH A . 
E 4 HOH 11 211 81  HOH HOH A . 
E 4 HOH 12 212 82  HOH HOH A . 
E 4 HOH 13 213 107 HOH HOH A . 
E 4 HOH 14 214 113 HOH HOH A . 
E 4 HOH 15 215 161 HOH HOH A . 
E 4 HOH 16 216 203 HOH HOH A . 
E 4 HOH 17 217 204 HOH HOH A . 
E 4 HOH 18 218 205 HOH HOH A . 
E 4 HOH 19 219 211 HOH HOH A . 
E 4 HOH 20 220 214 HOH HOH A . 
E 4 HOH 21 221 223 HOH HOH A . 
E 4 HOH 22 222 228 HOH HOH A . 
E 4 HOH 23 223 229 HOH HOH A . 
E 4 HOH 24 224 230 HOH HOH A . 
E 4 HOH 25 225 231 HOH HOH A . 
E 4 HOH 26 226 232 HOH HOH A . 
E 4 HOH 27 227 236 HOH HOH A . 
E 4 HOH 28 228 241 HOH HOH A . 
E 4 HOH 29 229 254 HOH HOH A . 
E 4 HOH 30 230 255 HOH HOH A . 
E 4 HOH 31 231 257 HOH HOH A . 
E 4 HOH 32 232 258 HOH HOH A . 
E 4 HOH 33 233 259 HOH HOH A . 
E 4 HOH 34 234 262 HOH HOH A . 
E 4 HOH 35 235 263 HOH HOH A . 
E 4 HOH 36 236 265 HOH HOH A . 
E 4 HOH 37 237 266 HOH HOH A . 
E 4 HOH 38 238 267 HOH HOH A . 
E 4 HOH 39 239 268 HOH HOH A . 
E 4 HOH 40 240 269 HOH HOH A . 
E 4 HOH 41 241 270 HOH HOH A . 
E 4 HOH 42 242 271 HOH HOH A . 
F 4 HOH 1  101 4   HOH HOH B . 
F 4 HOH 2  102 7   HOH HOH B . 
F 4 HOH 3  103 9   HOH HOH B . 
F 4 HOH 4  104 10  HOH HOH B . 
F 4 HOH 5  105 11  HOH HOH B . 
F 4 HOH 6  106 12  HOH HOH B . 
F 4 HOH 7  107 16  HOH HOH B . 
F 4 HOH 8  108 17  HOH HOH B . 
F 4 HOH 9  109 18  HOH HOH B . 
F 4 HOH 10 110 23  HOH HOH B . 
F 4 HOH 11 111 38  HOH HOH B . 
F 4 HOH 12 112 67  HOH HOH B . 
F 4 HOH 13 113 75  HOH HOH B . 
F 4 HOH 14 114 77  HOH HOH B . 
F 4 HOH 15 115 78  HOH HOH B . 
F 4 HOH 16 116 83  HOH HOH B . 
F 4 HOH 17 117 85  HOH HOH B . 
F 4 HOH 18 118 88  HOH HOH B . 
F 4 HOH 19 119 89  HOH HOH B . 
F 4 HOH 20 120 90  HOH HOH B . 
F 4 HOH 21 121 91  HOH HOH B . 
F 4 HOH 22 122 95  HOH HOH B . 
F 4 HOH 23 123 130 HOH HOH B . 
F 4 HOH 24 124 136 HOH HOH B . 
F 4 HOH 25 125 167 HOH HOH B . 
F 4 HOH 26 126 192 HOH HOH B . 
F 4 HOH 27 127 201 HOH HOH B . 
F 4 HOH 28 128 202 HOH HOH B . 
F 4 HOH 29 129 210 HOH HOH B . 
F 4 HOH 30 130 219 HOH HOH B . 
F 4 HOH 31 131 222 HOH HOH B . 
F 4 HOH 32 132 245 HOH HOH B . 
F 4 HOH 33 133 248 HOH HOH B . 
F 4 HOH 34 134 249 HOH HOH B . 
F 4 HOH 35 135 250 HOH HOH B . 
F 4 HOH 36 136 251 HOH HOH B . 
F 4 HOH 37 137 252 HOH HOH B . 
F 4 HOH 38 138 253 HOH HOH B . 
F 4 HOH 39 139 261 HOH HOH B . 
# 
loop_
_software.pdbx_ordinal 
_software.name 
_software.version 
_software.date 
_software.type 
_software.contact_author 
_software.contact_author_email 
_software.classification 
_software.location 
_software.language 
_software.citation_id 
1 SCALEPACK   .        ?               program 'Zbyszek Otwinowski' hkl@hkl-xray.com         'data scaling'    
http://www.hkl-xray.com/                     ?          ? 
2 MOLREP      .        ?               program 'Alexei Vaguine'     alexei@ysbl.york.ac.uk   phasing           
http://www.ccp4.ac.uk/dist/html/molrep.html  Fortran_77 ? 
3 REFMAC      5.5.0109 ?               program 'Garib N. Murshudov' garib@ysbl.york.ac.uk    refinement        
http://www.ccp4.ac.uk/dist/html/refmac5.html Fortran_77 ? 
4 PDB_EXTRACT 3.14     'Dec. 10, 2013' package PDB                  deposit@deposit.rcsb.org 'data extraction' 
http://sw-tools.pdb.org/apps/PDB_EXTRACT/    C++        ? 
5 DENZO       .        ?               ?       ?                    ?                        'data reduction'  ? ?          ? 
# 
_cell.entry_id           4O5X 
_cell.length_a           25.952 
_cell.length_b           40.452 
_cell.length_c           65.423 
_cell.angle_alpha        90.00 
_cell.angle_beta         90.00 
_cell.angle_gamma        90.00 
_cell.Z_PDB              8 
_cell.pdbx_unique_axis   ? 
_cell.length_a_esd       ? 
_cell.length_b_esd       ? 
_cell.length_c_esd       ? 
_cell.angle_alpha_esd    ? 
_cell.angle_beta_esd     ? 
_cell.angle_gamma_esd    ? 
# 
_symmetry.entry_id                         4O5X 
_symmetry.space_group_name_H-M             'P 21 21 21' 
_symmetry.pdbx_full_space_group_name_H-M   ? 
_symmetry.cell_setting                     ? 
_symmetry.Int_Tables_number                19 
_symmetry.space_group_name_Hall            ? 
# 
_exptl.entry_id          4O5X 
_exptl.method            'X-RAY DIFFRACTION' 
_exptl.crystals_number   1 
# 
_exptl_crystal.id                    1 
_exptl_crystal.density_meas          ? 
_exptl_crystal.density_Matthews      2.30 
_exptl_crystal.density_percent_sol   46.47 
_exptl_crystal.description           ? 
_exptl_crystal.F_000                 ? 
_exptl_crystal.preparation           ? 
# 
_exptl_crystal_grow.crystal_id      1 
_exptl_crystal_grow.method          'VAPOR DIFFUSION, HANGING DROP' 
_exptl_crystal_grow.temp            277 
_exptl_crystal_grow.temp_details    ? 
_exptl_crystal_grow.pH              6.0 
_exptl_crystal_grow.pdbx_pH_range   ? 
_exptl_crystal_grow.pdbx_details    
;5%(v/v)MPD, 6mM spermine 4HCL, 40mM NaCL, 6mM KCL, 10mM MgCL2, 20mM Na cacodylate(pH6.0), 0.5mM Hoechst 33258, 0.5mM DNA, vapor diffusion, hanging drop, temperature 277K
;
# 
_diffrn.id                     1 
_diffrn.ambient_temp           100 
_diffrn.ambient_temp_details   ? 
_diffrn.crystal_id             1 
# 
_diffrn_detector.diffrn_id              1 
_diffrn_detector.detector               CCD 
_diffrn_detector.type                   'ADSC QUANTUM 210r' 
_diffrn_detector.pdbx_collection_date   2011-11-26 
_diffrn_detector.details                ? 
# 
_diffrn_radiation.diffrn_id                        1 
_diffrn_radiation.wavelength_id                    1 
_diffrn_radiation.pdbx_monochromatic_or_laue_m_l   M 
_diffrn_radiation.monochromator                    ? 
_diffrn_radiation.pdbx_diffrn_protocol             'SINGLE WAVELENGTH' 
_diffrn_radiation.pdbx_scattering_type             x-ray 
# 
_diffrn_radiation_wavelength.id           1 
_diffrn_radiation_wavelength.wavelength   1.00 
_diffrn_radiation_wavelength.wt           1.0 
# 
_diffrn_source.diffrn_id                   1 
_diffrn_source.source                      SYNCHROTRON 
_diffrn_source.type                        'PHOTON FACTORY BEAMLINE AR-NW12A' 
_diffrn_source.pdbx_synchrotron_site       'Photon Factory' 
_diffrn_source.pdbx_synchrotron_beamline   AR-NW12A 
_diffrn_source.pdbx_wavelength             ? 
_diffrn_source.pdbx_wavelength_list        1.00 
# 
_reflns.pdbx_diffrn_id               1 
_reflns.pdbx_ordinal                 1 
_reflns.entry_id                     4O5X 
_reflns.observed_criterion_sigma_I   ? 
_reflns.observed_criterion_sigma_F   ? 
_reflns.d_resolution_low             50.000 
_reflns.d_resolution_high            1.600 
_reflns.number_obs                   9622 
_reflns.number_all                   ? 
_reflns.percent_possible_obs         99.600 
_reflns.pdbx_Rmerge_I_obs            0.047 
_reflns.pdbx_Rsym_value              ? 
_reflns.pdbx_netI_over_sigmaI        24.700 
_reflns.B_iso_Wilson_estimate        ? 
_reflns.pdbx_redundancy              13.600 
_reflns.R_free_details               ? 
_reflns.pdbx_chi_squared             ? 
_reflns.pdbx_scaling_rejects         ? 
# 
loop_
_reflns_shell.pdbx_diffrn_id 
_reflns_shell.pdbx_ordinal 
_reflns_shell.d_res_high 
_reflns_shell.d_res_low 
_reflns_shell.percent_possible_all 
_reflns_shell.Rmerge_I_obs 
_reflns_shell.pdbx_Rsym_value 
_reflns_shell.meanI_over_sigI_obs 
_reflns_shell.pdbx_redundancy 
_reflns_shell.percent_possible_obs 
_reflns_shell.number_unique_all 
_reflns_shell.number_measured_all 
_reflns_shell.number_measured_obs 
_reflns_shell.number_unique_obs 
_reflns_shell.pdbx_chi_squared 
1 1  1.600 1.630  100.000 0.327 ? ? 13.000 ? ? ? ? ? ? 
1 2  1.630 1.660  100.000 0.229 ? ? 13.900 ? ? ? ? ? ? 
1 3  1.660 1.690  100.000 0.251 ? ? 13.900 ? ? ? ? ? ? 
1 4  1.690 1.720  100.000 0.204 ? ? 14.000 ? ? ? ? ? ? 
1 5  1.720 1.760  100.000 0.178 ? ? 13.900 ? ? ? ? ? ? 
1 6  1.760 1.800  100.000 0.142 ? ? 14.000 ? ? ? ? ? ? 
1 7  1.800 1.850  100.000 0.146 ? ? 14.000 ? ? ? ? ? ? 
1 8  1.850 1.900  100.000 0.127 ? ? 13.900 ? ? ? ? ? ? 
1 9  1.900 1.950  100.000 0.133 ? ? 14.000 ? ? ? ? ? ? 
1 10 1.950 2.020  100.000 0.101 ? ? 13.900 ? ? ? ? ? ? 
1 11 2.020 2.090  100.000 0.089 ? ? 13.700 ? ? ? ? ? ? 
1 12 2.090 2.170  100.000 0.081 ? ? 13.400 ? ? ? ? ? ? 
1 13 2.170 2.270  100.000 0.070 ? ? 13.000 ? ? ? ? ? ? 
1 14 2.270 2.390  100.000 0.061 ? ? 12.600 ? ? ? ? ? ? 
1 15 2.390 2.540  100.000 0.053 ? ? 12.000 ? ? ? ? ? ? 
1 16 2.540 2.740  99.800  0.059 ? ? 13.100 ? ? ? ? ? ? 
1 17 2.740 3.010  100.000 0.064 ? ? 19.300 ? ? ? ? ? ? 
1 18 3.010 3.450  99.400  0.042 ? ? 14.600 ? ? ? ? ? ? 
1 19 3.450 4.340  98.300  0.038 ? ? 11.600 ? ? ? ? ? ? 
1 20 4.340 50.000 95.300  0.037 ? ? 10.200 ? ? ? ? ? ? 
# 
_refine.pdbx_refine_id                           'X-RAY DIFFRACTION' 
_refine.entry_id                                 4O5X 
_refine.pdbx_diffrn_id                           1 
_refine.pdbx_TLS_residual_ADP_flag               ? 
_refine.ls_number_reflns_obs                     9093 
_refine.ls_number_reflns_all                     ? 
_refine.pdbx_ls_sigma_I                          ? 
_refine.pdbx_ls_sigma_F                          . 
_refine.pdbx_data_cutoff_high_absF               ? 
_refine.pdbx_data_cutoff_low_absF                ? 
_refine.pdbx_data_cutoff_high_rms_absF           ? 
_refine.ls_d_res_low                             34.41 
_refine.ls_d_res_high                            1.60 
_refine.ls_percent_reflns_obs                    99.13 
_refine.ls_R_factor_obs                          0.24868 
_refine.ls_R_factor_all                          ? 
_refine.ls_R_factor_R_work                       0.24764 
_refine.ls_R_factor_R_free                       0.26864 
_refine.ls_R_factor_R_free_error                 ? 
_refine.ls_R_factor_R_free_error_details         ? 
_refine.ls_percent_reflns_R_free                 4.8 
_refine.ls_number_reflns_R_free                  460 
_refine.ls_number_parameters                     ? 
_refine.ls_number_restraints                     ? 
_refine.occupancy_min                            1.000 
_refine.occupancy_max                            1.000 
_refine.correlation_coeff_Fo_to_Fc               0.956 
_refine.correlation_coeff_Fo_to_Fc_free          0.949 
_refine.B_iso_mean                               32.653 
_refine.aniso_B[1][1]                            0.81 
_refine.aniso_B[2][2]                            0.79 
_refine.aniso_B[3][3]                            -1.60 
_refine.aniso_B[1][2]                            0.00 
_refine.aniso_B[1][3]                            0.00 
_refine.aniso_B[2][3]                            0.00 
_refine.solvent_model_details                    MASK 
_refine.solvent_model_param_ksol                 ? 
_refine.solvent_model_param_bsol                 ? 
_refine.pdbx_solvent_vdw_probe_radii             1.40 
_refine.pdbx_solvent_ion_probe_radii             0.80 
_refine.pdbx_solvent_shrinkage_radii             0.80 
_refine.pdbx_ls_cross_valid_method               THROUGHOUT 
_refine.details                                  'HYDROGENS HAVE BEEN ADDED IN THE RIDING POSITIONS' 
_refine.pdbx_starting_model                      ? 
_refine.pdbx_method_to_determine_struct          'MOLECULAR REPLACEMENT' 
_refine.pdbx_isotropic_thermal_model             ? 
_refine.pdbx_stereochemistry_target_values       'MAXIMUM LIKELIHOOD' 
_refine.pdbx_stereochem_target_val_spec_case     ? 
_refine.pdbx_R_Free_selection_details            RANDOM 
_refine.pdbx_overall_ESU_R                       0.122 
_refine.pdbx_overall_ESU_R_Free                  0.113 
_refine.overall_SU_ML                            0.085 
_refine.pdbx_overall_phase_error                 ? 
_refine.overall_SU_B                             2.410 
_refine.overall_SU_R_Cruickshank_DPI             0.1187 
_refine.pdbx_overall_SU_R_free_Cruickshank_DPI   ? 
_refine.pdbx_overall_SU_R_Blow_DPI               ? 
_refine.pdbx_overall_SU_R_free_Blow_DPI          ? 
_refine.ls_redundancy_reflns_obs                 ? 
_refine.overall_SU_R_free                        ? 
_refine.ls_wR_factor_R_free                      ? 
_refine.ls_wR_factor_R_work                      ? 
_refine.overall_FOM_free_R_set                   ? 
_refine.overall_FOM_work_R_set                   ? 
# 
_refine_hist.pdbx_refine_id                   'X-RAY DIFFRACTION' 
_refine_hist.cycle_id                         LAST 
_refine_hist.pdbx_number_atoms_protein        0 
_refine_hist.pdbx_number_atoms_nucleic_acid   496 
_refine_hist.pdbx_number_atoms_ligand         33 
_refine_hist.number_atoms_solvent             81 
_refine_hist.number_atoms_total               610 
_refine_hist.d_res_high                       1.60 
_refine_hist.d_res_low                        34.41 
# 
loop_
_refine_ls_restr.type 
_refine_ls_restr.dev_ideal 
_refine_ls_restr.dev_ideal_target 
_refine_ls_restr.weight 
_refine_ls_restr.number 
_refine_ls_restr.pdbx_refine_id 
_refine_ls_restr.pdbx_restraint_function 
r_bond_refined_d             0.029 0.021 ? 589 'X-RAY DIFFRACTION' ? 
r_bond_other_d               ?     ?     ? ?   'X-RAY DIFFRACTION' ? 
r_angle_refined_deg          3.103 3.000 ? 888 'X-RAY DIFFRACTION' ? 
r_angle_other_deg            ?     ?     ? ?   'X-RAY DIFFRACTION' ? 
r_dihedral_angle_1_deg       ?     ?     ? ?   'X-RAY DIFFRACTION' ? 
r_dihedral_angle_2_deg       ?     ?     ? ?   'X-RAY DIFFRACTION' ? 
r_dihedral_angle_3_deg       ?     ?     ? ?   'X-RAY DIFFRACTION' ? 
r_dihedral_angle_4_deg       ?     ?     ? ?   'X-RAY DIFFRACTION' ? 
r_chiral_restr               0.347 0.200 ? 96  'X-RAY DIFFRACTION' ? 
r_gen_planes_refined         0.026 0.020 ? 290 'X-RAY DIFFRACTION' ? 
r_gen_planes_other           ?     ?     ? ?   'X-RAY DIFFRACTION' ? 
r_nbd_refined                ?     ?     ? ?   'X-RAY DIFFRACTION' ? 
r_nbd_other                  ?     ?     ? ?   'X-RAY DIFFRACTION' ? 
r_nbtor_refined              ?     ?     ? ?   'X-RAY DIFFRACTION' ? 
r_nbtor_other                ?     ?     ? ?   'X-RAY DIFFRACTION' ? 
r_xyhbond_nbd_refined        ?     ?     ? ?   'X-RAY DIFFRACTION' ? 
r_xyhbond_nbd_other          ?     ?     ? ?   'X-RAY DIFFRACTION' ? 
r_metal_ion_refined          ?     ?     ? ?   'X-RAY DIFFRACTION' ? 
r_metal_ion_other            ?     ?     ? ?   'X-RAY DIFFRACTION' ? 
r_symmetry_vdw_refined       ?     ?     ? ?   'X-RAY DIFFRACTION' ? 
r_symmetry_vdw_other         ?     ?     ? ?   'X-RAY DIFFRACTION' ? 
r_symmetry_hbond_refined     ?     ?     ? ?   'X-RAY DIFFRACTION' ? 
r_symmetry_hbond_other       ?     ?     ? ?   'X-RAY DIFFRACTION' ? 
r_symmetry_metal_ion_refined ?     ?     ? ?   'X-RAY DIFFRACTION' ? 
r_symmetry_metal_ion_other   ?     ?     ? ?   'X-RAY DIFFRACTION' ? 
r_mcbond_it                  ?     ?     ? ?   'X-RAY DIFFRACTION' ? 
r_mcbond_other               ?     ?     ? ?   'X-RAY DIFFRACTION' ? 
r_mcangle_it                 ?     ?     ? ?   'X-RAY DIFFRACTION' ? 
r_mcangle_other              ?     ?     ? ?   'X-RAY DIFFRACTION' ? 
r_scbond_it                  3.082 3.000 ? 589 'X-RAY DIFFRACTION' ? 
r_scbond_other               ?     ?     ? ?   'X-RAY DIFFRACTION' ? 
r_scangle_it                 4.396 4.500 ? 888 'X-RAY DIFFRACTION' ? 
r_scangle_other              ?     ?     ? ?   'X-RAY DIFFRACTION' ? 
r_long_range_B_refined       ?     ?     ? ?   'X-RAY DIFFRACTION' ? 
r_long_range_B_other         ?     ?     ? ?   'X-RAY DIFFRACTION' ? 
r_rigid_bond_restr           ?     ?     ? ?   'X-RAY DIFFRACTION' ? 
r_sphericity_free            ?     ?     ? ?   'X-RAY DIFFRACTION' ? 
r_sphericity_bonded          ?     ?     ? ?   'X-RAY DIFFRACTION' ? 
# 
_refine_ls_shell.pdbx_refine_id                   'X-RAY DIFFRACTION' 
_refine_ls_shell.pdbx_total_number_of_bins_used   20 
_refine_ls_shell.d_res_high                       1.597 
_refine_ls_shell.d_res_low                        1.638 
_refine_ls_shell.number_reflns_R_work             633 
_refine_ls_shell.R_factor_R_work                  0.311 
_refine_ls_shell.percent_reflns_obs               97.40 
_refine_ls_shell.R_factor_R_free                  0.308 
_refine_ls_shell.R_factor_R_free_error            ? 
_refine_ls_shell.percent_reflns_R_free            ? 
_refine_ls_shell.number_reflns_R_free             42 
_refine_ls_shell.number_reflns_all                ? 
_refine_ls_shell.R_factor_all                     ? 
_refine_ls_shell.redundancy_reflns_obs            ? 
_refine_ls_shell.number_reflns_obs                ? 
# 
_struct.entry_id                  4O5X 
_struct.title                     
'O6-carboxymethylguanine in DNA forms a sequence context dependent wobble base pair structure with thymine.' 
_struct.pdbx_model_details        ? 
_struct.pdbx_CASP_flag            ? 
_struct.pdbx_model_type_details   ? 
# 
_struct_keywords.entry_id        4O5X 
_struct_keywords.text            'damaged DNA, O6-carboxymethylguanine, DNA' 
_struct_keywords.pdbx_keywords   DNA 
# 
loop_
_struct_asym.id 
_struct_asym.pdbx_blank_PDB_chainid_flag 
_struct_asym.pdbx_modified 
_struct_asym.entity_id 
_struct_asym.details 
A N N 1 ? 
B N N 1 ? 
C N N 2 ? 
D N N 3 ? 
E N N 4 ? 
F N N 4 ? 
# 
_struct_ref.id                         1 
_struct_ref.db_name                    PDB 
_struct_ref.db_code                    4O5X 
_struct_ref.pdbx_db_accession          4O5X 
_struct_ref.entity_id                  1 
_struct_ref.pdbx_align_begin           ? 
_struct_ref.pdbx_seq_one_letter_code   ? 
_struct_ref.pdbx_db_isoform            ? 
# 
loop_
_struct_ref_seq.align_id 
_struct_ref_seq.ref_id 
_struct_ref_seq.pdbx_PDB_id_code 
_struct_ref_seq.pdbx_strand_id 
_struct_ref_seq.seq_align_beg 
_struct_ref_seq.pdbx_seq_align_beg_ins_code 
_struct_ref_seq.seq_align_end 
_struct_ref_seq.pdbx_seq_align_end_ins_code 
_struct_ref_seq.pdbx_db_accession 
_struct_ref_seq.db_align_beg 
_struct_ref_seq.pdbx_db_align_beg_ins_code 
_struct_ref_seq.db_align_end 
_struct_ref_seq.pdbx_db_align_end_ins_code 
_struct_ref_seq.pdbx_auth_seq_align_beg 
_struct_ref_seq.pdbx_auth_seq_align_end 
1 1 4O5X A 1 ? 12 ? 4O5X 1  ? 12 ? 1  12 
2 1 4O5X B 1 ? 12 ? 4O5X 13 ? 24 ? 13 24 
# 
_pdbx_struct_assembly.id                   1 
_pdbx_struct_assembly.details              author_and_software_defined_assembly 
_pdbx_struct_assembly.method_details       PISA 
_pdbx_struct_assembly.oligomeric_details   dimeric 
_pdbx_struct_assembly.oligomeric_count     2 
# 
loop_
_pdbx_struct_assembly_prop.biol_id 
_pdbx_struct_assembly_prop.type 
_pdbx_struct_assembly_prop.value 
_pdbx_struct_assembly_prop.details 
1 'ABSA (A^2)' 1210 ? 
1 MORE         -7   ? 
1 'SSA (A^2)'  4620 ? 
# 
_pdbx_struct_assembly_gen.assembly_id       1 
_pdbx_struct_assembly_gen.oper_expression   1 
_pdbx_struct_assembly_gen.asym_id_list      A,B,C,D,E,F 
# 
_pdbx_struct_oper_list.id                   1 
_pdbx_struct_oper_list.type                 'identity operation' 
_pdbx_struct_oper_list.name                 1_555 
_pdbx_struct_oper_list.symmetry_operation   x,y,z 
_pdbx_struct_oper_list.matrix[1][1]         1.0000000000 
_pdbx_struct_oper_list.matrix[1][2]         0.0000000000 
_pdbx_struct_oper_list.matrix[1][3]         0.0000000000 
_pdbx_struct_oper_list.vector[1]            0.0000000000 
_pdbx_struct_oper_list.matrix[2][1]         0.0000000000 
_pdbx_struct_oper_list.matrix[2][2]         1.0000000000 
_pdbx_struct_oper_list.matrix[2][3]         0.0000000000 
_pdbx_struct_oper_list.vector[2]            0.0000000000 
_pdbx_struct_oper_list.matrix[3][1]         0.0000000000 
_pdbx_struct_oper_list.matrix[3][2]         0.0000000000 
_pdbx_struct_oper_list.matrix[3][3]         1.0000000000 
_pdbx_struct_oper_list.vector[3]            0.0000000000 
# 
_struct_biol.id        1 
_struct_biol.details   ? 
# 
loop_
_struct_conn.id 
_struct_conn.conn_type_id 
_struct_conn.pdbx_leaving_atom_flag 
_struct_conn.pdbx_PDB_id 
_struct_conn.ptnr1_label_asym_id 
_struct_conn.ptnr1_label_comp_id 
_struct_conn.ptnr1_label_seq_id 
_struct_conn.ptnr1_label_atom_id 
_struct_conn.pdbx_ptnr1_label_alt_id 
_struct_conn.pdbx_ptnr1_PDB_ins_code 
_struct_conn.pdbx_ptnr1_standard_comp_id 
_struct_conn.ptnr1_symmetry 
_struct_conn.ptnr2_label_asym_id 
_struct_conn.ptnr2_label_comp_id 
_struct_conn.ptnr2_label_seq_id 
_struct_conn.ptnr2_label_atom_id 
_struct_conn.pdbx_ptnr2_label_alt_id 
_struct_conn.pdbx_ptnr2_PDB_ins_code 
_struct_conn.ptnr1_auth_asym_id 
_struct_conn.ptnr1_auth_comp_id 
_struct_conn.ptnr1_auth_seq_id 
_struct_conn.ptnr2_auth_asym_id 
_struct_conn.ptnr2_auth_comp_id 
_struct_conn.ptnr2_auth_seq_id 
_struct_conn.ptnr2_symmetry 
_struct_conn.pdbx_ptnr3_label_atom_id 
_struct_conn.pdbx_ptnr3_label_seq_id 
_struct_conn.pdbx_ptnr3_label_comp_id 
_struct_conn.pdbx_ptnr3_label_asym_id 
_struct_conn.pdbx_ptnr3_label_alt_id 
_struct_conn.pdbx_ptnr3_PDB_ins_code 
_struct_conn.details 
_struct_conn.pdbx_dist_value 
_struct_conn.pdbx_value_order 
_struct_conn.pdbx_role 
covale1  covale both ? A DC  3  "O3'" ? ? ? 1_555 A C6G 4  P  ? ? A DC  3   A C6G 4   1_555 ? ? ? ? ? ? ?            1.633 ? ? 
covale2  covale one  ? A C6G 4  "O3'" ? ? ? 1_555 A DA  5  P  ? ? A C6G 4   A DA  5   1_555 ? ? ? ? ? ? ?            1.749 ? ? 
covale3  covale both ? B DC  3  "O3'" ? ? ? 1_555 B C6G 4  P  ? ? B DC  15  B C6G 16  1_555 ? ? ? ? ? ? ?            1.607 ? ? 
covale4  covale one  ? B C6G 4  "O3'" ? ? ? 1_555 B DA  5  P  ? ? B C6G 16  B DA  17  1_555 ? ? ? ? ? ? ?            1.616 ? ? 
metalc1  metalc ?    ? D MG  .  MG    ? ? ? 1_555 E HOH .  O  ? ? A MG  102 A HOH 204 1_555 ? ? ? ? ? ? ?            2.012 ? ? 
metalc2  metalc ?    ? D MG  .  MG    ? ? ? 1_555 E HOH .  O  ? ? A MG  102 A HOH 205 1_555 ? ? ? ? ? ? ?            2.128 ? ? 
metalc3  metalc ?    ? D MG  .  MG    ? ? ? 1_555 F HOH .  O  ? ? A MG  102 B HOH 102 1_555 ? ? ? ? ? ? ?            2.044 ? ? 
metalc4  metalc ?    ? D MG  .  MG    ? ? ? 1_555 F HOH .  O  ? ? A MG  102 B HOH 103 1_555 ? ? ? ? ? ? ?            2.235 ? ? 
metalc5  metalc ?    ? D MG  .  MG    ? ? ? 1_555 F HOH .  O  ? ? A MG  102 B HOH 106 1_555 ? ? ? ? ? ? ?            2.039 ? ? 
metalc6  metalc ?    ? D MG  .  MG    ? ? ? 1_555 F HOH .  O  ? ? A MG  102 B HOH 127 1_555 ? ? ? ? ? ? ?            2.205 ? ? 
hydrog1  hydrog ?    ? A DC  1  N3    ? ? ? 1_555 B DG  12 N1 ? ? A DC  1   B DG  24  1_555 ? ? ? ? ? ? WATSON-CRICK ?     ? ? 
hydrog2  hydrog ?    ? A DC  1  N4    ? ? ? 1_555 B DG  12 O6 ? ? A DC  1   B DG  24  1_555 ? ? ? ? ? ? WATSON-CRICK ?     ? ? 
hydrog3  hydrog ?    ? A DC  1  O2    ? ? ? 1_555 B DG  12 N2 ? ? A DC  1   B DG  24  1_555 ? ? ? ? ? ? WATSON-CRICK ?     ? ? 
hydrog4  hydrog ?    ? A DG  2  N1    ? ? ? 1_555 B DC  11 N3 ? ? A DG  2   B DC  23  1_555 ? ? ? ? ? ? WATSON-CRICK ?     ? ? 
hydrog5  hydrog ?    ? A DG  2  N2    ? ? ? 1_555 B DC  11 O2 ? ? A DG  2   B DC  23  1_555 ? ? ? ? ? ? WATSON-CRICK ?     ? ? 
hydrog6  hydrog ?    ? A DG  2  O6    ? ? ? 1_555 B DC  11 N4 ? ? A DG  2   B DC  23  1_555 ? ? ? ? ? ? WATSON-CRICK ?     ? ? 
hydrog7  hydrog ?    ? A DC  3  N3    ? ? ? 1_555 B DG  10 N1 ? ? A DC  3   B DG  22  1_555 ? ? ? ? ? ? WATSON-CRICK ?     ? ? 
hydrog8  hydrog ?    ? A DC  3  N4    ? ? ? 1_555 B DG  10 O6 ? ? A DC  3   B DG  22  1_555 ? ? ? ? ? ? WATSON-CRICK ?     ? ? 
hydrog9  hydrog ?    ? A DC  3  O2    ? ? ? 1_555 B DG  10 N2 ? ? A DC  3   B DG  22  1_555 ? ? ? ? ? ? WATSON-CRICK ?     ? ? 
hydrog10 hydrog ?    ? A DA  5  N1    ? ? ? 1_555 B DT  8  N3 ? ? A DA  5   B DT  20  1_555 ? ? ? ? ? ? WATSON-CRICK ?     ? ? 
hydrog11 hydrog ?    ? A DA  5  N6    ? ? ? 1_555 B DT  8  O4 ? ? A DA  5   B DT  20  1_555 ? ? ? ? ? ? WATSON-CRICK ?     ? ? 
hydrog12 hydrog ?    ? A DA  6  N1    ? ? ? 1_555 B DT  7  N3 ? ? A DA  6   B DT  19  1_555 ? ? ? ? ? ? WATSON-CRICK ?     ? ? 
hydrog13 hydrog ?    ? A DA  6  N6    ? ? ? 1_555 B DT  7  O4 ? ? A DA  6   B DT  19  1_555 ? ? ? ? ? ? WATSON-CRICK ?     ? ? 
hydrog14 hydrog ?    ? A DT  7  N3    ? ? ? 1_555 B DA  6  N1 ? ? A DT  7   B DA  18  1_555 ? ? ? ? ? ? WATSON-CRICK ?     ? ? 
hydrog15 hydrog ?    ? A DT  7  O4    ? ? ? 1_555 B DA  6  N6 ? ? A DT  7   B DA  18  1_555 ? ? ? ? ? ? WATSON-CRICK ?     ? ? 
hydrog16 hydrog ?    ? A DT  8  N3    ? ? ? 1_555 B DA  5  N1 ? ? A DT  8   B DA  17  1_555 ? ? ? ? ? ? WATSON-CRICK ?     ? ? 
hydrog17 hydrog ?    ? A DT  8  O4    ? ? ? 1_555 B DA  5  N6 ? ? A DT  8   B DA  17  1_555 ? ? ? ? ? ? WATSON-CRICK ?     ? ? 
hydrog18 hydrog ?    ? A DG  10 N1    ? ? ? 1_555 B DC  3  N3 ? ? A DG  10  B DC  15  1_555 ? ? ? ? ? ? WATSON-CRICK ?     ? ? 
hydrog19 hydrog ?    ? A DG  10 N2    ? ? ? 1_555 B DC  3  O2 ? ? A DG  10  B DC  15  1_555 ? ? ? ? ? ? WATSON-CRICK ?     ? ? 
hydrog20 hydrog ?    ? A DG  10 O6    ? ? ? 1_555 B DC  3  N4 ? ? A DG  10  B DC  15  1_555 ? ? ? ? ? ? WATSON-CRICK ?     ? ? 
hydrog21 hydrog ?    ? A DC  11 N3    ? ? ? 1_555 B DG  2  N1 ? ? A DC  11  B DG  14  1_555 ? ? ? ? ? ? WATSON-CRICK ?     ? ? 
hydrog22 hydrog ?    ? A DC  11 N4    ? ? ? 1_555 B DG  2  O6 ? ? A DC  11  B DG  14  1_555 ? ? ? ? ? ? WATSON-CRICK ?     ? ? 
hydrog23 hydrog ?    ? A DC  11 O2    ? ? ? 1_555 B DG  2  N2 ? ? A DC  11  B DG  14  1_555 ? ? ? ? ? ? WATSON-CRICK ?     ? ? 
hydrog24 hydrog ?    ? A DG  12 N1    ? ? ? 1_555 B DC  1  N3 ? ? A DG  12  B DC  13  1_555 ? ? ? ? ? ? WATSON-CRICK ?     ? ? 
hydrog25 hydrog ?    ? A DG  12 N2    ? ? ? 1_555 B DC  1  O2 ? ? A DG  12  B DC  13  1_555 ? ? ? ? ? ? WATSON-CRICK ?     ? ? 
hydrog26 hydrog ?    ? A DG  12 O6    ? ? ? 1_555 B DC  1  N4 ? ? A DG  12  B DC  13  1_555 ? ? ? ? ? ? WATSON-CRICK ?     ? ? 
# 
loop_
_struct_conn_type.id 
_struct_conn_type.criteria 
_struct_conn_type.reference 
covale ? ? 
metalc ? ? 
hydrog ? ? 
# 
loop_
_pdbx_struct_conn_angle.id 
_pdbx_struct_conn_angle.ptnr1_label_atom_id 
_pdbx_struct_conn_angle.ptnr1_label_alt_id 
_pdbx_struct_conn_angle.ptnr1_label_asym_id 
_pdbx_struct_conn_angle.ptnr1_label_comp_id 
_pdbx_struct_conn_angle.ptnr1_label_seq_id 
_pdbx_struct_conn_angle.ptnr1_auth_atom_id 
_pdbx_struct_conn_angle.ptnr1_auth_asym_id 
_pdbx_struct_conn_angle.ptnr1_auth_comp_id 
_pdbx_struct_conn_angle.ptnr1_auth_seq_id 
_pdbx_struct_conn_angle.ptnr1_PDB_ins_code 
_pdbx_struct_conn_angle.ptnr1_symmetry 
_pdbx_struct_conn_angle.ptnr2_label_atom_id 
_pdbx_struct_conn_angle.ptnr2_label_alt_id 
_pdbx_struct_conn_angle.ptnr2_label_asym_id 
_pdbx_struct_conn_angle.ptnr2_label_comp_id 
_pdbx_struct_conn_angle.ptnr2_label_seq_id 
_pdbx_struct_conn_angle.ptnr2_auth_atom_id 
_pdbx_struct_conn_angle.ptnr2_auth_asym_id 
_pdbx_struct_conn_angle.ptnr2_auth_comp_id 
_pdbx_struct_conn_angle.ptnr2_auth_seq_id 
_pdbx_struct_conn_angle.ptnr2_PDB_ins_code 
_pdbx_struct_conn_angle.ptnr2_symmetry 
_pdbx_struct_conn_angle.ptnr3_label_atom_id 
_pdbx_struct_conn_angle.ptnr3_label_alt_id 
_pdbx_struct_conn_angle.ptnr3_label_asym_id 
_pdbx_struct_conn_angle.ptnr3_label_comp_id 
_pdbx_struct_conn_angle.ptnr3_label_seq_id 
_pdbx_struct_conn_angle.ptnr3_auth_atom_id 
_pdbx_struct_conn_angle.ptnr3_auth_asym_id 
_pdbx_struct_conn_angle.ptnr3_auth_comp_id 
_pdbx_struct_conn_angle.ptnr3_auth_seq_id 
_pdbx_struct_conn_angle.ptnr3_PDB_ins_code 
_pdbx_struct_conn_angle.ptnr3_symmetry 
_pdbx_struct_conn_angle.value 
_pdbx_struct_conn_angle.value_esd 
1  O ? E HOH . ? A HOH 204 ? 1_555 MG ? D MG . ? A MG 102 ? 1_555 O ? E HOH . ? A HOH 205 ? 1_555 89.9  ? 
2  O ? E HOH . ? A HOH 204 ? 1_555 MG ? D MG . ? A MG 102 ? 1_555 O ? F HOH . ? B HOH 102 ? 1_555 94.2  ? 
3  O ? E HOH . ? A HOH 205 ? 1_555 MG ? D MG . ? A MG 102 ? 1_555 O ? F HOH . ? B HOH 102 ? 1_555 88.0  ? 
4  O ? E HOH . ? A HOH 204 ? 1_555 MG ? D MG . ? A MG 102 ? 1_555 O ? F HOH . ? B HOH 103 ? 1_555 174.7 ? 
5  O ? E HOH . ? A HOH 205 ? 1_555 MG ? D MG . ? A MG 102 ? 1_555 O ? F HOH . ? B HOH 103 ? 1_555 85.5  ? 
6  O ? F HOH . ? B HOH 102 ? 1_555 MG ? D MG . ? A MG 102 ? 1_555 O ? F HOH . ? B HOH 103 ? 1_555 88.3  ? 
7  O ? E HOH . ? A HOH 204 ? 1_555 MG ? D MG . ? A MG 102 ? 1_555 O ? F HOH . ? B HOH 106 ? 1_555 94.0  ? 
8  O ? E HOH . ? A HOH 205 ? 1_555 MG ? D MG . ? A MG 102 ? 1_555 O ? F HOH . ? B HOH 106 ? 1_555 85.9  ? 
9  O ? F HOH . ? B HOH 102 ? 1_555 MG ? D MG . ? A MG 102 ? 1_555 O ? F HOH . ? B HOH 106 ? 1_555 169.7 ? 
10 O ? F HOH . ? B HOH 103 ? 1_555 MG ? D MG . ? A MG 102 ? 1_555 O ? F HOH . ? B HOH 106 ? 1_555 83.0  ? 
11 O ? E HOH . ? A HOH 204 ? 1_555 MG ? D MG . ? A MG 102 ? 1_555 O ? F HOH . ? B HOH 127 ? 1_555 93.3  ? 
12 O ? E HOH . ? A HOH 205 ? 1_555 MG ? D MG . ? A MG 102 ? 1_555 O ? F HOH . ? B HOH 127 ? 1_555 174.5 ? 
13 O ? F HOH . ? B HOH 102 ? 1_555 MG ? D MG . ? A MG 102 ? 1_555 O ? F HOH . ? B HOH 127 ? 1_555 96.2  ? 
14 O ? F HOH . ? B HOH 103 ? 1_555 MG ? D MG . ? A MG 102 ? 1_555 O ? F HOH . ? B HOH 127 ? 1_555 91.1  ? 
15 O ? F HOH . ? B HOH 106 ? 1_555 MG ? D MG . ? A MG 102 ? 1_555 O ? F HOH . ? B HOH 127 ? 1_555 89.4  ? 
# 
loop_
_struct_site.id 
_struct_site.pdbx_evidence_code 
_struct_site.pdbx_auth_asym_id 
_struct_site.pdbx_auth_comp_id 
_struct_site.pdbx_auth_seq_id 
_struct_site.pdbx_auth_ins_code 
_struct_site.pdbx_num_residues 
_struct_site.details 
AC1 Software A HT 101 ? 9 'BINDING SITE FOR RESIDUE HT A 101' 
1   ?        ? ?  ?   ? ? ?                                   
# 
loop_
_struct_site_gen.id 
_struct_site_gen.site_id 
_struct_site_gen.pdbx_num_res 
_struct_site_gen.label_comp_id 
_struct_site_gen.label_asym_id 
_struct_site_gen.label_seq_id 
_struct_site_gen.pdbx_auth_ins_code 
_struct_site_gen.auth_comp_id 
_struct_site_gen.auth_asym_id 
_struct_site_gen.auth_seq_id 
_struct_site_gen.label_atom_id 
_struct_site_gen.label_alt_id 
_struct_site_gen.symmetry 
_struct_site_gen.details 
1 AC1 9 DA A 5 ? DA A 5  . ? 1_555 ? 
2 AC1 9 DA A 6 ? DA A 6  . ? 1_555 ? 
3 AC1 9 DT A 7 ? DT A 7  . ? 1_555 ? 
4 AC1 9 DT A 8 ? DT A 8  . ? 1_555 ? 
5 AC1 9 DT A 9 ? DT A 9  . ? 1_555 ? 
6 AC1 9 DA B 6 ? DA B 18 . ? 1_555 ? 
7 AC1 9 DT B 7 ? DT B 19 . ? 1_555 ? 
8 AC1 9 DT B 8 ? DT B 20 . ? 1_555 ? 
9 AC1 9 DT B 9 ? DT B 21 . ? 1_555 ? 
# 
loop_
_pdbx_validate_rmsd_bond.id 
_pdbx_validate_rmsd_bond.PDB_model_num 
_pdbx_validate_rmsd_bond.auth_atom_id_1 
_pdbx_validate_rmsd_bond.auth_asym_id_1 
_pdbx_validate_rmsd_bond.auth_comp_id_1 
_pdbx_validate_rmsd_bond.auth_seq_id_1 
_pdbx_validate_rmsd_bond.PDB_ins_code_1 
_pdbx_validate_rmsd_bond.label_alt_id_1 
_pdbx_validate_rmsd_bond.auth_atom_id_2 
_pdbx_validate_rmsd_bond.auth_asym_id_2 
_pdbx_validate_rmsd_bond.auth_comp_id_2 
_pdbx_validate_rmsd_bond.auth_seq_id_2 
_pdbx_validate_rmsd_bond.PDB_ins_code_2 
_pdbx_validate_rmsd_bond.label_alt_id_2 
_pdbx_validate_rmsd_bond.bond_value 
_pdbx_validate_rmsd_bond.bond_target_value 
_pdbx_validate_rmsd_bond.bond_deviation 
_pdbx_validate_rmsd_bond.bond_standard_deviation 
_pdbx_validate_rmsd_bond.linker_flag 
1  1 "O4'" A DC  1  ? ? "C4'" A DC 1  ? ? 1.386 1.446 -0.060 0.010 N 
2  1 N7    A DG  2  ? ? C8    A DG 2  ? ? 1.343 1.305 0.038  0.006 N 
3  1 "O4'" A DC  3  ? ? "C1'" A DC 3  ? ? 1.494 1.420 0.074  0.011 N 
4  1 "O3'" A C6G 4  ? ? P     A DA 5  ? ? 1.749 1.607 0.142  0.012 Y 
5  1 C4    A DA  5  ? ? C5    A DA 5  ? ? 1.335 1.383 -0.048 0.007 N 
6  1 N9    A DA  5  ? ? C4    A DA 5  ? ? 1.421 1.374 0.047  0.006 N 
7  1 C5    A DT  7  ? ? C6    A DT 7  ? ? 1.280 1.339 -0.059 0.007 N 
8  1 "O3'" A DT  9  ? ? "C3'" A DT 9  ? ? 1.525 1.435 0.090  0.013 N 
9  1 C2    A DT  9  ? ? O2    A DT 9  ? ? 1.150 1.220 -0.070 0.008 N 
10 1 "O3'" A DG  10 ? ? "C3'" A DG 10 ? ? 1.382 1.419 -0.037 0.006 N 
11 1 C2    B DC  13 ? ? N3    B DC 13 ? ? 1.305 1.353 -0.048 0.008 N 
12 1 N9    B DG  14 ? ? C4    B DG 14 ? ? 1.450 1.375 0.075  0.008 N 
13 1 "O3'" B DC  15 ? ? "C3'" B DC 15 ? ? 1.359 1.419 -0.060 0.006 N 
14 1 C2    B DC  15 ? ? N3    B DC 15 ? ? 1.298 1.353 -0.055 0.008 N 
15 1 C2    B DA  17 ? ? N3    B DA 17 ? ? 1.403 1.331 0.072  0.009 N 
16 1 C6    B DA  17 ? ? N1    B DA 17 ? ? 1.305 1.351 -0.046 0.007 N 
17 1 C5    B DA  17 ? ? N7    B DA 17 ? ? 1.339 1.388 -0.049 0.006 N 
18 1 N7    B DA  17 ? ? C8    B DA 17 ? ? 1.353 1.311 0.042  0.007 N 
19 1 N9    B DG  22 ? ? C4    B DG 22 ? ? 1.424 1.375 0.049  0.008 N 
20 1 "O4'" B DC  23 ? ? "C1'" B DC 23 ? ? 1.486 1.420 0.066  0.011 N 
# 
loop_
_pdbx_validate_rmsd_angle.id 
_pdbx_validate_rmsd_angle.PDB_model_num 
_pdbx_validate_rmsd_angle.auth_atom_id_1 
_pdbx_validate_rmsd_angle.auth_asym_id_1 
_pdbx_validate_rmsd_angle.auth_comp_id_1 
_pdbx_validate_rmsd_angle.auth_seq_id_1 
_pdbx_validate_rmsd_angle.PDB_ins_code_1 
_pdbx_validate_rmsd_angle.label_alt_id_1 
_pdbx_validate_rmsd_angle.auth_atom_id_2 
_pdbx_validate_rmsd_angle.auth_asym_id_2 
_pdbx_validate_rmsd_angle.auth_comp_id_2 
_pdbx_validate_rmsd_angle.auth_seq_id_2 
_pdbx_validate_rmsd_angle.PDB_ins_code_2 
_pdbx_validate_rmsd_angle.label_alt_id_2 
_pdbx_validate_rmsd_angle.auth_atom_id_3 
_pdbx_validate_rmsd_angle.auth_asym_id_3 
_pdbx_validate_rmsd_angle.auth_comp_id_3 
_pdbx_validate_rmsd_angle.auth_seq_id_3 
_pdbx_validate_rmsd_angle.PDB_ins_code_3 
_pdbx_validate_rmsd_angle.label_alt_id_3 
_pdbx_validate_rmsd_angle.angle_value 
_pdbx_validate_rmsd_angle.angle_target_value 
_pdbx_validate_rmsd_angle.angle_deviation 
_pdbx_validate_rmsd_angle.angle_standard_deviation 
_pdbx_validate_rmsd_angle.linker_flag 
1  1 "O5'" A DC 1  ? ? "C5'" A DC 1  ? ? "C4'" A DC 1  ? ? 103.30 109.40 -6.10 0.80 N 
2  1 C6    A DC 1  ? ? N1    A DC 1  ? ? C2    A DC 1  ? ? 116.72 120.30 -3.58 0.40 N 
3  1 N3    A DC 1  ? ? C4    A DC 1  ? ? C5    A DC 1  ? ? 118.58 121.90 -3.32 0.40 N 
4  1 "O5'" A DG 2  ? ? "C5'" A DG 2  ? ? "C4'" A DG 2  ? ? 102.49 109.40 -6.91 0.80 N 
5  1 "O4'" A DG 2  ? ? "C4'" A DG 2  ? ? "C3'" A DG 2  ? ? 109.82 106.00 3.82  0.60 N 
6  1 "O4'" A DG 2  ? ? "C1'" A DG 2  ? ? N9    A DG 2  ? ? 103.49 108.00 -4.51 0.70 N 
7  1 N3    A DC 3  ? ? C4    A DC 3  ? ? C5    A DC 3  ? ? 124.46 121.90 2.56  0.40 N 
8  1 C4    A DC 3  ? ? C5    A DC 3  ? ? C6    A DC 3  ? ? 111.94 117.40 -5.46 0.50 N 
9  1 "O5'" A DA 5  ? ? P     A DA 5  ? ? OP2   A DA 5  ? ? 96.83  105.70 -8.87 0.90 N 
10 1 "O5'" A DA 5  ? ? "C5'" A DA 5  ? ? "C4'" A DA 5  ? ? 104.34 109.40 -5.06 0.80 N 
11 1 C5    A DA 6  ? ? N7    A DA 6  ? ? C8    A DA 6  ? ? 100.56 103.90 -3.34 0.50 N 
12 1 N7    A DA 6  ? ? C8    A DA 6  ? ? N9    A DA 6  ? ? 117.00 113.80 3.20  0.50 N 
13 1 "O4'" A DT 9  ? ? "C1'" A DT 9  ? ? N1    A DT 9  ? ? 102.27 108.00 -5.73 0.70 N 
14 1 "C3'" A DG 10 ? ? "C2'" A DG 10 ? ? "C1'" A DG 10 ? ? 95.31  102.40 -7.09 0.80 N 
15 1 N3    A DG 10 ? ? C4    A DG 10 ? ? C5    A DG 10 ? ? 131.69 128.60 3.09  0.50 N 
16 1 "O4'" A DC 11 ? ? "C4'" A DC 11 ? ? "C3'" A DC 11 ? ? 100.94 104.50 -3.56 0.40 N 
17 1 "C5'" A DC 11 ? ? "C4'" A DC 11 ? ? "O4'" A DC 11 ? ? 116.50 109.80 6.70  1.10 N 
18 1 "C3'" A DC 11 ? ? "C2'" A DC 11 ? ? "C1'" A DC 11 ? ? 97.56  102.40 -4.84 0.80 N 
19 1 "O4'" A DC 11 ? ? "C1'" A DC 11 ? ? N1    A DC 11 ? ? 102.37 108.00 -5.63 0.70 N 
20 1 C6    B DC 13 ? ? N1    B DC 13 ? ? C2    B DC 13 ? ? 117.65 120.30 -2.65 0.40 N 
21 1 C2    B DC 13 ? ? N3    B DC 13 ? ? C4    B DC 13 ? ? 123.71 119.90 3.81  0.50 N 
22 1 C6    B DG 14 ? ? N1    B DG 14 ? ? C2    B DG 14 ? ? 129.86 125.10 4.76  0.60 N 
23 1 N1    B DG 14 ? ? C2    B DG 14 ? ? N3    B DG 14 ? ? 119.79 123.90 -4.11 0.60 N 
24 1 N3    B DG 14 ? ? C4    B DG 14 ? ? C5    B DG 14 ? ? 132.39 128.60 3.79  0.50 N 
25 1 C4    B DG 14 ? ? C5    B DG 14 ? ? N7    B DG 14 ? ? 114.90 110.80 4.10  0.40 N 
26 1 N9    B DG 14 ? ? C4    B DG 14 ? ? C5    B DG 14 ? ? 102.78 105.40 -2.62 0.40 N 
27 1 C6    B DC 15 ? ? N1    B DC 15 ? ? C2    B DC 15 ? ? 117.40 120.30 -2.90 0.40 N 
28 1 C2    B DC 15 ? ? N3    B DC 15 ? ? C4    B DC 15 ? ? 123.69 119.90 3.79  0.50 N 
29 1 C5    B DC 15 ? ? C6    B DC 15 ? ? N1    B DC 15 ? ? 124.61 121.00 3.61  0.50 N 
30 1 "O4'" B DT 20 ? ? "C1'" B DT 20 ? ? N1    B DT 20 ? ? 103.09 108.00 -4.91 0.70 N 
31 1 "O4'" B DT 21 ? ? "C4'" B DT 21 ? ? "C3'" B DT 21 ? ? 101.75 104.50 -2.75 0.40 N 
32 1 N3    B DG 22 ? ? C4    B DG 22 ? ? C5    B DG 22 ? ? 132.49 128.60 3.89  0.50 N 
33 1 C5    B DC 23 ? ? C4    B DC 23 ? ? N4    B DC 23 ? ? 115.91 120.20 -4.29 0.70 N 
34 1 "O5'" B DG 24 ? ? P     B DG 24 ? ? OP2   B DG 24 ? ? 96.34  105.70 -9.36 0.90 N 
# 
loop_
_pdbx_struct_mod_residue.id 
_pdbx_struct_mod_residue.label_asym_id 
_pdbx_struct_mod_residue.label_comp_id 
_pdbx_struct_mod_residue.label_seq_id 
_pdbx_struct_mod_residue.auth_asym_id 
_pdbx_struct_mod_residue.auth_comp_id 
_pdbx_struct_mod_residue.auth_seq_id 
_pdbx_struct_mod_residue.PDB_ins_code 
_pdbx_struct_mod_residue.parent_comp_id 
_pdbx_struct_mod_residue.details 
1 A C6G 4 A C6G 4  ? DG ? 
2 B C6G 4 B C6G 16 ? DG ? 
# 
_struct_site_keywords.site_id   1 
_struct_site_keywords.text      'MAJOR GROOVE BINDER' 
# 
_phasing.method   MR 
# 
loop_
_chem_comp_atom.comp_id 
_chem_comp_atom.atom_id 
_chem_comp_atom.type_symbol 
_chem_comp_atom.pdbx_aromatic_flag 
_chem_comp_atom.pdbx_stereo_config 
_chem_comp_atom.pdbx_ordinal 
C6G P      P  N N 1   
C6G OP1    O  N N 2   
C6G OP2    O  N N 3   
C6G "O5'"  O  N N 4   
C6G "C5'"  C  N N 5   
C6G "C4'"  C  N R 6   
C6G "O4'"  O  N N 7   
C6G "C1'"  C  N R 8   
C6G N9     N  Y N 9   
C6G C8     C  Y N 10  
C6G N7     N  Y N 11  
C6G C5     C  Y N 12  
C6G C4     C  Y N 13  
C6G N3     N  Y N 14  
C6G C2     C  Y N 15  
C6G N2     N  N N 16  
C6G N1     N  Y N 17  
C6G C6     C  Y N 18  
C6G O6     O  N N 19  
C6G "C2'"  C  N N 20  
C6G "C3'"  C  N S 21  
C6G "O3'"  O  N N 22  
C6G C      C  N N 23  
C6G O      O  N N 24  
C6G O7     O  N N 25  
C6G CH3    C  N N 26  
C6G HOP2   H  N N 27  
C6G "H5'"  H  N N 28  
C6G "H5''" H  N N 29  
C6G "H4'"  H  N N 30  
C6G "H1'"  H  N N 31  
C6G H8     H  N N 32  
C6G H21    H  N N 33  
C6G H22    H  N N 34  
C6G "H2'"  H  N N 35  
C6G "H2''" H  N N 36  
C6G "H3'"  H  N N 37  
C6G "HO3'" H  N N 38  
C6G HO7    H  N N 39  
C6G H31    H  N N 40  
C6G H32    H  N N 41  
C6G OP3    O  N N 42  
C6G HOP3   H  N N 43  
DA  OP3    O  N N 44  
DA  P      P  N N 45  
DA  OP1    O  N N 46  
DA  OP2    O  N N 47  
DA  "O5'"  O  N N 48  
DA  "C5'"  C  N N 49  
DA  "C4'"  C  N R 50  
DA  "O4'"  O  N N 51  
DA  "C3'"  C  N S 52  
DA  "O3'"  O  N N 53  
DA  "C2'"  C  N N 54  
DA  "C1'"  C  N R 55  
DA  N9     N  Y N 56  
DA  C8     C  Y N 57  
DA  N7     N  Y N 58  
DA  C5     C  Y N 59  
DA  C6     C  Y N 60  
DA  N6     N  N N 61  
DA  N1     N  Y N 62  
DA  C2     C  Y N 63  
DA  N3     N  Y N 64  
DA  C4     C  Y N 65  
DA  HOP3   H  N N 66  
DA  HOP2   H  N N 67  
DA  "H5'"  H  N N 68  
DA  "H5''" H  N N 69  
DA  "H4'"  H  N N 70  
DA  "H3'"  H  N N 71  
DA  "HO3'" H  N N 72  
DA  "H2'"  H  N N 73  
DA  "H2''" H  N N 74  
DA  "H1'"  H  N N 75  
DA  H8     H  N N 76  
DA  H61    H  N N 77  
DA  H62    H  N N 78  
DA  H2     H  N N 79  
DC  OP3    O  N N 80  
DC  P      P  N N 81  
DC  OP1    O  N N 82  
DC  OP2    O  N N 83  
DC  "O5'"  O  N N 84  
DC  "C5'"  C  N N 85  
DC  "C4'"  C  N R 86  
DC  "O4'"  O  N N 87  
DC  "C3'"  C  N S 88  
DC  "O3'"  O  N N 89  
DC  "C2'"  C  N N 90  
DC  "C1'"  C  N R 91  
DC  N1     N  N N 92  
DC  C2     C  N N 93  
DC  O2     O  N N 94  
DC  N3     N  N N 95  
DC  C4     C  N N 96  
DC  N4     N  N N 97  
DC  C5     C  N N 98  
DC  C6     C  N N 99  
DC  HOP3   H  N N 100 
DC  HOP2   H  N N 101 
DC  "H5'"  H  N N 102 
DC  "H5''" H  N N 103 
DC  "H4'"  H  N N 104 
DC  "H3'"  H  N N 105 
DC  "HO3'" H  N N 106 
DC  "H2'"  H  N N 107 
DC  "H2''" H  N N 108 
DC  "H1'"  H  N N 109 
DC  H41    H  N N 110 
DC  H42    H  N N 111 
DC  H5     H  N N 112 
DC  H6     H  N N 113 
DG  OP3    O  N N 114 
DG  P      P  N N 115 
DG  OP1    O  N N 116 
DG  OP2    O  N N 117 
DG  "O5'"  O  N N 118 
DG  "C5'"  C  N N 119 
DG  "C4'"  C  N R 120 
DG  "O4'"  O  N N 121 
DG  "C3'"  C  N S 122 
DG  "O3'"  O  N N 123 
DG  "C2'"  C  N N 124 
DG  "C1'"  C  N R 125 
DG  N9     N  Y N 126 
DG  C8     C  Y N 127 
DG  N7     N  Y N 128 
DG  C5     C  Y N 129 
DG  C6     C  N N 130 
DG  O6     O  N N 131 
DG  N1     N  N N 132 
DG  C2     C  N N 133 
DG  N2     N  N N 134 
DG  N3     N  N N 135 
DG  C4     C  Y N 136 
DG  HOP3   H  N N 137 
DG  HOP2   H  N N 138 
DG  "H5'"  H  N N 139 
DG  "H5''" H  N N 140 
DG  "H4'"  H  N N 141 
DG  "H3'"  H  N N 142 
DG  "HO3'" H  N N 143 
DG  "H2'"  H  N N 144 
DG  "H2''" H  N N 145 
DG  "H1'"  H  N N 146 
DG  H8     H  N N 147 
DG  H1     H  N N 148 
DG  H21    H  N N 149 
DG  H22    H  N N 150 
DT  OP3    O  N N 151 
DT  P      P  N N 152 
DT  OP1    O  N N 153 
DT  OP2    O  N N 154 
DT  "O5'"  O  N N 155 
DT  "C5'"  C  N N 156 
DT  "C4'"  C  N R 157 
DT  "O4'"  O  N N 158 
DT  "C3'"  C  N S 159 
DT  "O3'"  O  N N 160 
DT  "C2'"  C  N N 161 
DT  "C1'"  C  N R 162 
DT  N1     N  N N 163 
DT  C2     C  N N 164 
DT  O2     O  N N 165 
DT  N3     N  N N 166 
DT  C4     C  N N 167 
DT  O4     O  N N 168 
DT  C5     C  N N 169 
DT  C7     C  N N 170 
DT  C6     C  N N 171 
DT  HOP3   H  N N 172 
DT  HOP2   H  N N 173 
DT  "H5'"  H  N N 174 
DT  "H5''" H  N N 175 
DT  "H4'"  H  N N 176 
DT  "H3'"  H  N N 177 
DT  "HO3'" H  N N 178 
DT  "H2'"  H  N N 179 
DT  "H2''" H  N N 180 
DT  "H1'"  H  N N 181 
DT  H3     H  N N 182 
DT  H71    H  N N 183 
DT  H72    H  N N 184 
DT  H73    H  N N 185 
DT  H6     H  N N 186 
HOH O      O  N N 187 
HOH H1     H  N N 188 
HOH H2     H  N N 189 
HT  O1     O  N N 190 
HT  C1     C  Y N 191 
HT  C4     C  Y N 192 
HT  C2     C  Y N 193 
HT  C3     C  Y N 194 
HT  C6     C  Y N 195 
HT  C5     C  Y N 196 
HT  C7     C  Y N 197 
HT  N1     N  Y N 198 
HT  C8     C  Y N 199 
HT  C9     C  Y N 200 
HT  N2     N  Y N 201 
HT  C10    C  Y N 202 
HT  C11    C  Y N 203 
HT  C12    C  Y N 204 
HT  C13    C  Y N 205 
HT  C14    C  Y N 206 
HT  N3     N  Y N 207 
HT  C15    C  Y N 208 
HT  C16    C  Y N 209 
HT  N4     N  Y N 210 
HT  C17    C  Y N 211 
HT  C18    C  Y N 212 
HT  C19    C  Y N 213 
HT  C20    C  Y N 214 
HT  N5     N  N N 215 
HT  C21    C  N N 216 
HT  C22    C  N N 217 
HT  N6     N  N N 218 
HT  C23    C  N N 219 
HT  C24    C  N N 220 
HT  C25    C  N N 221 
HT  HO1    H  N N 222 
HT  H2     H  N N 223 
HT  H3     H  N N 224 
HT  H5     H  N N 225 
HT  H6     H  N N 226 
HT  HN1    H  N N 227 
HT  H10    H  N N 228 
HT  H11    H  N N 229 
HT  H13    H  N N 230 
HT  HN3    H  N N 231 
HT  H17    H  N N 232 
HT  H18    H  N N 233 
HT  H20    H  N N 234 
HT  H211   H  N N 235 
HT  H212   H  N N 236 
HT  H221   H  N N 237 
HT  H222   H  N N 238 
HT  H231   H  N N 239 
HT  H232   H  N N 240 
HT  H241   H  N N 241 
HT  H242   H  N N 242 
HT  H253   H  N N 243 
HT  H252   H  N N 244 
HT  H251   H  N N 245 
MG  MG     MG N N 246 
# 
loop_
_chem_comp_bond.comp_id 
_chem_comp_bond.atom_id_1 
_chem_comp_bond.atom_id_2 
_chem_comp_bond.value_order 
_chem_comp_bond.pdbx_aromatic_flag 
_chem_comp_bond.pdbx_stereo_config 
_chem_comp_bond.pdbx_ordinal 
C6G OP1   P      doub N N 1   
C6G P     OP2    sing N N 2   
C6G P     "O5'"  sing N N 3   
C6G O     C      doub N N 4   
C6G C     O7     sing N N 5   
C6G C     CH3    sing N N 6   
C6G "O5'" "C5'"  sing N N 7   
C6G "C5'" "C4'"  sing N N 8   
C6G N7    C8     doub Y N 9   
C6G N7    C5     sing Y N 10  
C6G C8    N9     sing Y N 11  
C6G O6    CH3    sing N N 12  
C6G O6    C6     sing N N 13  
C6G "C2'" "C3'"  sing N N 14  
C6G "C2'" "C1'"  sing N N 15  
C6G C5    C6     doub Y N 16  
C6G C5    C4     sing Y N 17  
C6G C6    N1     sing Y N 18  
C6G N9    C4     sing Y N 19  
C6G N9    "C1'"  sing N N 20  
C6G "C3'" "C4'"  sing N N 21  
C6G "C3'" "O3'"  sing N N 22  
C6G C4    N3     doub Y N 23  
C6G "C4'" "O4'"  sing N N 24  
C6G N1    C2     doub Y N 25  
C6G "C1'" "O4'"  sing N N 26  
C6G N3    C2     sing Y N 27  
C6G C2    N2     sing N N 28  
C6G OP2   HOP2   sing N N 29  
C6G "C5'" "H5'"  sing N N 30  
C6G "C5'" "H5''" sing N N 31  
C6G "C4'" "H4'"  sing N N 32  
C6G "C1'" "H1'"  sing N N 33  
C6G C8    H8     sing N N 34  
C6G N2    H21    sing N N 35  
C6G N2    H22    sing N N 36  
C6G "C2'" "H2'"  sing N N 37  
C6G "C2'" "H2''" sing N N 38  
C6G "C3'" "H3'"  sing N N 39  
C6G "O3'" "HO3'" sing N N 40  
C6G O7    HO7    sing N N 41  
C6G CH3   H31    sing N N 42  
C6G CH3   H32    sing N N 43  
C6G P     OP3    sing N N 44  
C6G OP3   HOP3   sing N N 45  
DA  OP3   P      sing N N 46  
DA  OP3   HOP3   sing N N 47  
DA  P     OP1    doub N N 48  
DA  P     OP2    sing N N 49  
DA  P     "O5'"  sing N N 50  
DA  OP2   HOP2   sing N N 51  
DA  "O5'" "C5'"  sing N N 52  
DA  "C5'" "C4'"  sing N N 53  
DA  "C5'" "H5'"  sing N N 54  
DA  "C5'" "H5''" sing N N 55  
DA  "C4'" "O4'"  sing N N 56  
DA  "C4'" "C3'"  sing N N 57  
DA  "C4'" "H4'"  sing N N 58  
DA  "O4'" "C1'"  sing N N 59  
DA  "C3'" "O3'"  sing N N 60  
DA  "C3'" "C2'"  sing N N 61  
DA  "C3'" "H3'"  sing N N 62  
DA  "O3'" "HO3'" sing N N 63  
DA  "C2'" "C1'"  sing N N 64  
DA  "C2'" "H2'"  sing N N 65  
DA  "C2'" "H2''" sing N N 66  
DA  "C1'" N9     sing N N 67  
DA  "C1'" "H1'"  sing N N 68  
DA  N9    C8     sing Y N 69  
DA  N9    C4     sing Y N 70  
DA  C8    N7     doub Y N 71  
DA  C8    H8     sing N N 72  
DA  N7    C5     sing Y N 73  
DA  C5    C6     sing Y N 74  
DA  C5    C4     doub Y N 75  
DA  C6    N6     sing N N 76  
DA  C6    N1     doub Y N 77  
DA  N6    H61    sing N N 78  
DA  N6    H62    sing N N 79  
DA  N1    C2     sing Y N 80  
DA  C2    N3     doub Y N 81  
DA  C2    H2     sing N N 82  
DA  N3    C4     sing Y N 83  
DC  OP3   P      sing N N 84  
DC  OP3   HOP3   sing N N 85  
DC  P     OP1    doub N N 86  
DC  P     OP2    sing N N 87  
DC  P     "O5'"  sing N N 88  
DC  OP2   HOP2   sing N N 89  
DC  "O5'" "C5'"  sing N N 90  
DC  "C5'" "C4'"  sing N N 91  
DC  "C5'" "H5'"  sing N N 92  
DC  "C5'" "H5''" sing N N 93  
DC  "C4'" "O4'"  sing N N 94  
DC  "C4'" "C3'"  sing N N 95  
DC  "C4'" "H4'"  sing N N 96  
DC  "O4'" "C1'"  sing N N 97  
DC  "C3'" "O3'"  sing N N 98  
DC  "C3'" "C2'"  sing N N 99  
DC  "C3'" "H3'"  sing N N 100 
DC  "O3'" "HO3'" sing N N 101 
DC  "C2'" "C1'"  sing N N 102 
DC  "C2'" "H2'"  sing N N 103 
DC  "C2'" "H2''" sing N N 104 
DC  "C1'" N1     sing N N 105 
DC  "C1'" "H1'"  sing N N 106 
DC  N1    C2     sing N N 107 
DC  N1    C6     sing N N 108 
DC  C2    O2     doub N N 109 
DC  C2    N3     sing N N 110 
DC  N3    C4     doub N N 111 
DC  C4    N4     sing N N 112 
DC  C4    C5     sing N N 113 
DC  N4    H41    sing N N 114 
DC  N4    H42    sing N N 115 
DC  C5    C6     doub N N 116 
DC  C5    H5     sing N N 117 
DC  C6    H6     sing N N 118 
DG  OP3   P      sing N N 119 
DG  OP3   HOP3   sing N N 120 
DG  P     OP1    doub N N 121 
DG  P     OP2    sing N N 122 
DG  P     "O5'"  sing N N 123 
DG  OP2   HOP2   sing N N 124 
DG  "O5'" "C5'"  sing N N 125 
DG  "C5'" "C4'"  sing N N 126 
DG  "C5'" "H5'"  sing N N 127 
DG  "C5'" "H5''" sing N N 128 
DG  "C4'" "O4'"  sing N N 129 
DG  "C4'" "C3'"  sing N N 130 
DG  "C4'" "H4'"  sing N N 131 
DG  "O4'" "C1'"  sing N N 132 
DG  "C3'" "O3'"  sing N N 133 
DG  "C3'" "C2'"  sing N N 134 
DG  "C3'" "H3'"  sing N N 135 
DG  "O3'" "HO3'" sing N N 136 
DG  "C2'" "C1'"  sing N N 137 
DG  "C2'" "H2'"  sing N N 138 
DG  "C2'" "H2''" sing N N 139 
DG  "C1'" N9     sing N N 140 
DG  "C1'" "H1'"  sing N N 141 
DG  N9    C8     sing Y N 142 
DG  N9    C4     sing Y N 143 
DG  C8    N7     doub Y N 144 
DG  C8    H8     sing N N 145 
DG  N7    C5     sing Y N 146 
DG  C5    C6     sing N N 147 
DG  C5    C4     doub Y N 148 
DG  C6    O6     doub N N 149 
DG  C6    N1     sing N N 150 
DG  N1    C2     sing N N 151 
DG  N1    H1     sing N N 152 
DG  C2    N2     sing N N 153 
DG  C2    N3     doub N N 154 
DG  N2    H21    sing N N 155 
DG  N2    H22    sing N N 156 
DG  N3    C4     sing N N 157 
DT  OP3   P      sing N N 158 
DT  OP3   HOP3   sing N N 159 
DT  P     OP1    doub N N 160 
DT  P     OP2    sing N N 161 
DT  P     "O5'"  sing N N 162 
DT  OP2   HOP2   sing N N 163 
DT  "O5'" "C5'"  sing N N 164 
DT  "C5'" "C4'"  sing N N 165 
DT  "C5'" "H5'"  sing N N 166 
DT  "C5'" "H5''" sing N N 167 
DT  "C4'" "O4'"  sing N N 168 
DT  "C4'" "C3'"  sing N N 169 
DT  "C4'" "H4'"  sing N N 170 
DT  "O4'" "C1'"  sing N N 171 
DT  "C3'" "O3'"  sing N N 172 
DT  "C3'" "C2'"  sing N N 173 
DT  "C3'" "H3'"  sing N N 174 
DT  "O3'" "HO3'" sing N N 175 
DT  "C2'" "C1'"  sing N N 176 
DT  "C2'" "H2'"  sing N N 177 
DT  "C2'" "H2''" sing N N 178 
DT  "C1'" N1     sing N N 179 
DT  "C1'" "H1'"  sing N N 180 
DT  N1    C2     sing N N 181 
DT  N1    C6     sing N N 182 
DT  C2    O2     doub N N 183 
DT  C2    N3     sing N N 184 
DT  N3    C4     sing N N 185 
DT  N3    H3     sing N N 186 
DT  C4    O4     doub N N 187 
DT  C4    C5     sing N N 188 
DT  C5    C7     sing N N 189 
DT  C5    C6     doub N N 190 
DT  C7    H71    sing N N 191 
DT  C7    H72    sing N N 192 
DT  C7    H73    sing N N 193 
DT  C6    H6     sing N N 194 
HOH O     H1     sing N N 195 
HOH O     H2     sing N N 196 
HT  O1    C1     sing N N 197 
HT  O1    HO1    sing N N 198 
HT  C1    C2     doub Y N 199 
HT  C1    C6     sing Y N 200 
HT  C2    C3     sing Y N 201 
HT  C2    H2     sing N N 202 
HT  C3    C4     doub Y N 203 
HT  C3    H3     sing N N 204 
HT  C4    C5     sing Y N 205 
HT  C4    C7     sing Y N 206 
HT  C5    C6     doub Y N 207 
HT  C5    H5     sing N N 208 
HT  C6    H6     sing N N 209 
HT  C7    N1     sing Y N 210 
HT  C7    N2     doub Y N 211 
HT  N1    C8     sing Y N 212 
HT  N1    HN1    sing N N 213 
HT  C8    C9     doub Y N 214 
HT  C8    C13    sing Y N 215 
HT  C9    N2     sing Y N 216 
HT  C9    C10    sing Y N 217 
HT  C10   C11    doub Y N 218 
HT  C10   H10    sing N N 219 
HT  C11   C12    sing Y N 220 
HT  C11   H11    sing N N 221 
HT  C12   C13    doub Y N 222 
HT  C12   C14    sing Y N 223 
HT  C13   H13    sing N N 224 
HT  C14   N3     sing Y N 225 
HT  C14   N4     doub Y N 226 
HT  N3    C15    sing Y N 227 
HT  N3    HN3    sing N N 228 
HT  C15   C16    doub Y N 229 
HT  C15   C20    sing Y N 230 
HT  C16   N4     sing Y N 231 
HT  C16   C17    sing Y N 232 
HT  C17   C18    doub Y N 233 
HT  C17   H17    sing N N 234 
HT  C18   C19    sing Y N 235 
HT  C18   H18    sing N N 236 
HT  C19   C20    doub Y N 237 
HT  C19   N5     sing N N 238 
HT  C20   H20    sing N N 239 
HT  N5    C21    sing N N 240 
HT  N5    C24    sing N N 241 
HT  C21   C22    sing N N 242 
HT  C21   H211   sing N N 243 
HT  C21   H212   sing N N 244 
HT  C22   N6     sing N N 245 
HT  C22   H221   sing N N 246 
HT  C22   H222   sing N N 247 
HT  N6    C23    sing N N 248 
HT  N6    C25    sing N N 249 
HT  C23   C24    sing N N 250 
HT  C23   H231   sing N N 251 
HT  C23   H232   sing N N 252 
HT  C24   H241   sing N N 253 
HT  C24   H242   sing N N 254 
HT  C25   H253   sing N N 255 
HT  C25   H252   sing N N 256 
HT  C25   H251   sing N N 257 
# 
loop_
_ndb_struct_conf_na.entry_id 
_ndb_struct_conf_na.feature 
4O5X 'double helix'         
4O5X 'b-form double helix'  
4O5X 'mismatched base pair' 
# 
loop_
_ndb_struct_na_base_pair.model_number 
_ndb_struct_na_base_pair.i_label_asym_id 
_ndb_struct_na_base_pair.i_label_comp_id 
_ndb_struct_na_base_pair.i_label_seq_id 
_ndb_struct_na_base_pair.i_symmetry 
_ndb_struct_na_base_pair.j_label_asym_id 
_ndb_struct_na_base_pair.j_label_comp_id 
_ndb_struct_na_base_pair.j_label_seq_id 
_ndb_struct_na_base_pair.j_symmetry 
_ndb_struct_na_base_pair.shear 
_ndb_struct_na_base_pair.stretch 
_ndb_struct_na_base_pair.stagger 
_ndb_struct_na_base_pair.buckle 
_ndb_struct_na_base_pair.propeller 
_ndb_struct_na_base_pair.opening 
_ndb_struct_na_base_pair.pair_number 
_ndb_struct_na_base_pair.pair_name 
_ndb_struct_na_base_pair.i_auth_asym_id 
_ndb_struct_na_base_pair.i_auth_seq_id 
_ndb_struct_na_base_pair.i_PDB_ins_code 
_ndb_struct_na_base_pair.j_auth_asym_id 
_ndb_struct_na_base_pair.j_auth_seq_id 
_ndb_struct_na_base_pair.j_PDB_ins_code 
_ndb_struct_na_base_pair.hbond_type_28 
_ndb_struct_na_base_pair.hbond_type_12 
1 A DC 1  1_555 B DG 12 1_555 0.151  -0.248 0.179  -5.183 -7.253  -3.343 1  A_DC1:DG24_B  A 1  ? B 24 ? 19 1 
1 A DG 2  1_555 B DC 11 1_555 -0.244 -0.211 0.235  -3.387 -10.609 -3.410 2  A_DG2:DC23_B  A 2  ? B 23 ? 19 1 
1 A DC 3  1_555 B DG 10 1_555 0.015  -0.219 -0.059 0.050  0.822   -2.183 3  A_DC3:DG22_B  A 3  ? B 22 ? 19 1 
1 A DA 5  1_555 B DT 8  1_555 0.245  -0.127 -0.057 6.109  -20.084 2.602  4  A_DA5:DT20_B  A 5  ? B 20 ? 20 1 
1 A DA 6  1_555 B DT 7  1_555 0.130  -0.167 0.069  2.465  -20.948 5.517  5  A_DA6:DT19_B  A 6  ? B 19 ? 20 1 
1 A DT 7  1_555 B DA 6  1_555 -0.025 -0.159 -0.044 -2.378 -18.280 5.434  6  A_DT7:DA18_B  A 7  ? B 18 ? 20 1 
1 A DT 8  1_555 B DA 5  1_555 -0.053 -0.149 -0.014 -8.824 -16.075 2.012  7  A_DT8:DA17_B  A 8  ? B 17 ? 20 1 
1 A DG 10 1_555 B DC 3  1_555 -0.126 -0.185 0.006  0.701  1.965   0.289  8  A_DG10:DC15_B A 10 ? B 15 ? 19 1 
1 A DC 11 1_555 B DG 2  1_555 0.200  -0.289 0.257  5.686  -15.915 -3.712 9  A_DC11:DG14_B A 11 ? B 14 ? 19 1 
1 A DG 12 1_555 B DC 1  1_555 -0.182 -0.167 0.167  6.295  -6.666  -4.103 10 A_DG12:DC13_B A 12 ? B 13 ? 19 1 
# 
loop_
_ndb_struct_na_base_pair_step.model_number 
_ndb_struct_na_base_pair_step.i_label_asym_id_1 
_ndb_struct_na_base_pair_step.i_label_comp_id_1 
_ndb_struct_na_base_pair_step.i_label_seq_id_1 
_ndb_struct_na_base_pair_step.i_symmetry_1 
_ndb_struct_na_base_pair_step.j_label_asym_id_1 
_ndb_struct_na_base_pair_step.j_label_comp_id_1 
_ndb_struct_na_base_pair_step.j_label_seq_id_1 
_ndb_struct_na_base_pair_step.j_symmetry_1 
_ndb_struct_na_base_pair_step.i_label_asym_id_2 
_ndb_struct_na_base_pair_step.i_label_comp_id_2 
_ndb_struct_na_base_pair_step.i_label_seq_id_2 
_ndb_struct_na_base_pair_step.i_symmetry_2 
_ndb_struct_na_base_pair_step.j_label_asym_id_2 
_ndb_struct_na_base_pair_step.j_label_comp_id_2 
_ndb_struct_na_base_pair_step.j_label_seq_id_2 
_ndb_struct_na_base_pair_step.j_symmetry_2 
_ndb_struct_na_base_pair_step.shift 
_ndb_struct_na_base_pair_step.slide 
_ndb_struct_na_base_pair_step.rise 
_ndb_struct_na_base_pair_step.tilt 
_ndb_struct_na_base_pair_step.roll 
_ndb_struct_na_base_pair_step.twist 
_ndb_struct_na_base_pair_step.x_displacement 
_ndb_struct_na_base_pair_step.y_displacement 
_ndb_struct_na_base_pair_step.helical_rise 
_ndb_struct_na_base_pair_step.inclination 
_ndb_struct_na_base_pair_step.tip 
_ndb_struct_na_base_pair_step.helical_twist 
_ndb_struct_na_base_pair_step.step_number 
_ndb_struct_na_base_pair_step.step_name 
_ndb_struct_na_base_pair_step.i_auth_asym_id_1 
_ndb_struct_na_base_pair_step.i_auth_seq_id_1 
_ndb_struct_na_base_pair_step.i_PDB_ins_code_1 
_ndb_struct_na_base_pair_step.j_auth_asym_id_1 
_ndb_struct_na_base_pair_step.j_auth_seq_id_1 
_ndb_struct_na_base_pair_step.j_PDB_ins_code_1 
_ndb_struct_na_base_pair_step.i_auth_asym_id_2 
_ndb_struct_na_base_pair_step.i_auth_seq_id_2 
_ndb_struct_na_base_pair_step.i_PDB_ins_code_2 
_ndb_struct_na_base_pair_step.j_auth_asym_id_2 
_ndb_struct_na_base_pair_step.j_auth_seq_id_2 
_ndb_struct_na_base_pair_step.j_PDB_ins_code_2 
1 A DC 1  1_555 B DG 12 1_555 A DG 2  1_555 B DC 11 1_555 -0.580 0.448  3.260 -2.388 1.395  36.390 0.521  0.594  3.304 2.229  
3.817  36.492 1 AA_DC1DG2:DC23DG24_BB   A 1  ? B 24 ? A 2  ? B 23 ? 
1 A DG 2  1_555 B DC 11 1_555 A DC 3  1_555 B DG 10 1_555 0.785  0.631  3.285 2.574  -4.384 40.601 1.385  -0.840 3.244 -6.288 
-3.691 40.904 2 AA_DG2DC3:DG22DC23_BB   A 2  ? B 23 ? A 3  ? B 22 ? 
1 A DC 3  1_555 B DG 10 1_555 A DA 5  1_555 B DT 8  1_555 0.036  0.357  6.624 2.407  7.269  62.790 -0.314 0.182  6.623 6.949  
-2.301 63.208 3 AA_DC3DA5:DT20DG22_BB   A 3  ? B 22 ? A 5  ? B 20 ? 
1 A DA 5  1_555 B DT 8  1_555 A DA 6  1_555 B DT 7  1_555 0.227  -0.077 3.318 -2.062 1.557  38.043 -0.317 -0.612 3.296 2.386  
3.159  38.127 4 AA_DA5DA6:DT19DT20_BB   A 5  ? B 20 ? A 6  ? B 19 ? 
1 A DA 6  1_555 B DT 7  1_555 A DT 7  1_555 B DA 6  1_555 0.010  -0.563 3.294 1.125  1.620  30.971 -1.365 0.198  3.259 3.030  
-2.104 31.032 5 AA_DA6DT7:DA18DT19_BB   A 6  ? B 19 ? A 7  ? B 18 ? 
1 A DT 7  1_555 B DA 6  1_555 A DT 8  1_555 B DA 5  1_555 -0.208 -0.160 3.375 1.808  0.879  37.004 -0.372 0.577  3.357 1.384  
-2.846 37.057 6 AA_DT7DT8:DA17DA18_BB   A 7  ? B 18 ? A 8  ? B 17 ? 
1 A DT 8  1_555 B DA 5  1_555 A DG 10 1_555 B DC 3  1_555 -0.128 0.473  6.534 -3.274 0.997  65.555 0.355  -0.149 6.539 0.920  
3.021  65.635 7 AA_DT8DG10:DC15DA17_BB  A 8  ? B 17 ? A 10 ? B 15 ? 
1 A DG 10 1_555 B DC 3  1_555 A DC 11 1_555 B DG 2  1_555 -1.012 0.769  3.291 -2.487 -6.697 42.923 1.684  1.126  3.193 -9.077 
3.371  43.486 8 AA_DG10DC11:DG14DC15_BB A 10 ? B 15 ? A 11 ? B 14 ? 
1 A DC 11 1_555 B DG 2  1_555 A DG 12 1_555 B DC 1  1_555 0.719  0.641  3.324 3.952  1.724  36.270 0.776  -0.584 3.407 2.757  
-6.321 36.517 9 AA_DC11DG12:DC13DG14_BB A 11 ? B 14 ? A 12 ? B 13 ? 
# 
_atom_sites.entry_id                    4O5X 
_atom_sites.fract_transf_matrix[1][1]   0.00799762 
_atom_sites.fract_transf_matrix[1][2]   -0.03758554 
_atom_sites.fract_transf_matrix[1][3]   0.00285608 
_atom_sites.fract_transf_matrix[2][1]   0.01415343 
_atom_sites.fract_transf_matrix[2][2]   0.00147555 
_atom_sites.fract_transf_matrix[2][3]   -0.02021462 
_atom_sites.fract_transf_matrix[3][1]   0.01212376 
_atom_sites.fract_transf_matrix[3][2]   0.00324277 
_atom_sites.fract_transf_matrix[3][3]   0.00872525 
_atom_sites.fract_transf_vector[1]      -0.081191 
_atom_sites.fract_transf_vector[2]      -0.035199 
_atom_sites.fract_transf_vector[3]      0.120669 
# 
loop_
_atom_type.symbol 
C  
MG 
N  
O  
P  
# 
loop_
_atom_site.group_PDB 
_atom_site.id 
_atom_site.type_symbol 
_atom_site.label_atom_id 
_atom_site.label_alt_id 
_atom_site.label_comp_id 
_atom_site.label_asym_id 
_atom_site.label_entity_id 
_atom_site.label_seq_id 
_atom_site.pdbx_PDB_ins_code 
_atom_site.Cartn_x 
_atom_site.Cartn_y 
_atom_site.Cartn_z 
_atom_site.occupancy 
_atom_site.B_iso_or_equiv 
_atom_site.pdbx_formal_charge 
_atom_site.auth_seq_id 
_atom_site.auth_comp_id 
_atom_site.auth_asym_id 
_atom_site.auth_atom_id 
_atom_site.pdbx_PDB_model_num 
ATOM   1   O  "O5'" . DC  A 1 1  ? 3.750   7.915   19.574  1.00 35.92 ? 1   DC  A "O5'" 1 
ATOM   2   C  "C5'" . DC  A 1 1  ? 4.966   7.342   19.128  1.00 31.64 ? 1   DC  A "C5'" 1 
ATOM   3   C  "C4'" . DC  A 1 1  ? 5.238   8.074   17.813  1.00 31.10 ? 1   DC  A "C4'" 1 
ATOM   4   O  "O4'" . DC  A 1 1  ? 6.385   7.562   17.228  1.00 30.09 ? 1   DC  A "O4'" 1 
ATOM   5   C  "C3'" . DC  A 1 1  ? 4.208   7.932   16.744  1.00 35.58 ? 1   DC  A "C3'" 1 
ATOM   6   O  "O3'" . DC  A 1 1  ? 4.287   9.195   15.983  1.00 38.85 ? 1   DC  A "O3'" 1 
ATOM   7   C  "C2'" . DC  A 1 1  ? 4.707   6.820   15.850  1.00 30.57 ? 1   DC  A "C2'" 1 
ATOM   8   C  "C1'" . DC  A 1 1  ? 6.161   7.159   15.848  1.00 25.90 ? 1   DC  A "C1'" 1 
ATOM   9   N  N1    . DC  A 1 1  ? 7.068   6.110   15.551  1.00 25.46 ? 1   DC  A N1    1 
ATOM   10  C  C2    . DC  A 1 1  ? 8.180   6.335   14.754  1.00 23.96 ? 1   DC  A C2    1 
ATOM   11  O  O2    . DC  A 1 1  ? 8.315   7.441   14.260  1.00 26.29 ? 1   DC  A O2    1 
ATOM   12  N  N3    . DC  A 1 1  ? 9.063   5.356   14.529  1.00 25.72 ? 1   DC  A N3    1 
ATOM   13  C  C4    . DC  A 1 1  ? 8.902   4.129   15.046  1.00 28.91 ? 1   DC  A C4    1 
ATOM   14  N  N4    . DC  A 1 1  ? 9.791   3.185   14.841  1.00 31.74 ? 1   DC  A N4    1 
ATOM   15  C  C5    . DC  A 1 1  ? 7.779   3.886   15.881  1.00 28.50 ? 1   DC  A C5    1 
ATOM   16  C  C6    . DC  A 1 1  ? 6.942   4.851   16.098  1.00 26.74 ? 1   DC  A C6    1 
ATOM   17  P  P     . DG  A 1 2  ? 2.986   9.654   15.146  1.00 44.94 ? 2   DG  A P     1 
ATOM   18  O  OP1   . DG  A 1 2  ? 2.521   10.849  15.827  1.00 46.78 ? 2   DG  A OP1   1 
ATOM   19  O  OP2   . DG  A 1 2  ? 2.119   8.550   14.650  1.00 35.68 ? 2   DG  A OP2   1 
ATOM   20  O  "O5'" . DG  A 1 2  ? 3.620   10.224  13.786  1.00 35.67 ? 2   DG  A "O5'" 1 
ATOM   21  C  "C5'" . DG  A 1 2  ? 4.650   11.107  13.935  1.00 35.51 ? 2   DG  A "C5'" 1 
ATOM   22  C  "C4'" . DG  A 1 2  ? 5.166   11.245  12.527  1.00 29.74 ? 2   DG  A "C4'" 1 
ATOM   23  O  "O4'" . DG  A 1 2  ? 6.097   10.162  12.290  1.00 30.65 ? 2   DG  A "O4'" 1 
ATOM   24  C  "C3'" . DG  A 1 2  ? 4.086   11.227  11.481  1.00 29.88 ? 2   DG  A "C3'" 1 
ATOM   25  O  "O3'" . DG  A 1 2  ? 4.409   12.287  10.482  1.00 30.01 ? 2   DG  A "O3'" 1 
ATOM   26  C  "C2'" . DG  A 1 2  ? 4.217   9.856   10.908  1.00 27.88 ? 2   DG  A "C2'" 1 
ATOM   27  C  "C1'" . DG  A 1 2  ? 5.707   9.523   11.100  1.00 29.01 ? 2   DG  A "C1'" 1 
ATOM   28  N  N9    . DG  A 1 2  ? 5.949   8.098   11.380  1.00 24.63 ? 2   DG  A N9    1 
ATOM   29  C  C8    . DG  A 1 2  ? 5.171   7.232   12.125  1.00 23.33 ? 2   DG  A C8    1 
ATOM   30  N  N7    . DG  A 1 2  ? 5.709   6.004   12.205  1.00 20.12 ? 2   DG  A N7    1 
ATOM   31  C  C5    . DG  A 1 2  ? 6.870   6.091   11.498  1.00 18.07 ? 2   DG  A C5    1 
ATOM   32  C  C6    . DG  A 1 2  ? 7.877   5.119   11.161  1.00 21.12 ? 2   DG  A C6    1 
ATOM   33  O  O6    . DG  A 1 2  ? 7.916   3.922   11.550  1.00 21.36 ? 2   DG  A O6    1 
ATOM   34  N  N1    . DG  A 1 2  ? 8.904   5.629   10.417  1.00 22.03 ? 2   DG  A N1    1 
ATOM   35  C  C2    . DG  A 1 2  ? 8.965   6.921   9.925   1.00 20.63 ? 2   DG  A C2    1 
ATOM   36  N  N2    . DG  A 1 2  ? 10.027  7.209   9.234   1.00 21.20 ? 2   DG  A N2    1 
ATOM   37  N  N3    . DG  A 1 2  ? 8.044   7.825   10.197  1.00 20.23 ? 2   DG  A N3    1 
ATOM   38  C  C4    . DG  A 1 2  ? 7.049   7.389   10.980  1.00 22.01 ? 2   DG  A C4    1 
ATOM   39  P  P     . DC  A 1 3  ? 3.452   12.507  9.222   1.00 34.61 ? 3   DC  A P     1 
ATOM   40  O  OP1   . DC  A 1 3  ? 3.550   13.980  9.105   1.00 36.99 ? 3   DC  A OP1   1 
ATOM   41  O  OP2   . DC  A 1 3  ? 2.221   11.706  9.353   1.00 31.12 ? 3   DC  A OP2   1 
ATOM   42  O  "O5'" . DC  A 1 3  ? 4.276   11.890  7.977   1.00 30.37 ? 3   DC  A "O5'" 1 
ATOM   43  C  "C5'" . DC  A 1 3  ? 5.524   12.360  7.666   1.00 25.92 ? 3   DC  A "C5'" 1 
ATOM   44  C  "C4'" . DC  A 1 3  ? 6.193   11.373  6.739   1.00 24.54 ? 3   DC  A "C4'" 1 
ATOM   45  O  "O4'" . DC  A 1 3  ? 6.384   10.179  7.549   1.00 22.23 ? 3   DC  A "O4'" 1 
ATOM   46  C  "C3'" . DC  A 1 3  ? 5.378   10.923  5.571   1.00 26.72 ? 3   DC  A "C3'" 1 
ATOM   47  O  "O3'" . DC  A 1 3  ? 5.727   11.760  4.513   1.00 29.92 ? 3   DC  A "O3'" 1 
ATOM   48  C  "C2'" . DC  A 1 3  ? 5.822   9.484   5.353   1.00 30.30 ? 3   DC  A "C2'" 1 
ATOM   49  C  "C1'" . DC  A 1 3  ? 6.448   9.034   6.591   1.00 24.39 ? 3   DC  A "C1'" 1 
ATOM   50  N  N1    . DC  A 1 3  ? 5.780   7.919   7.278   1.00 21.43 ? 3   DC  A N1    1 
ATOM   51  C  C2    . DC  A 1 3  ? 6.534   6.710   7.330   1.00 20.61 ? 3   DC  A C2    1 
ATOM   52  O  O2    . DC  A 1 3  ? 7.624   6.637   6.836   1.00 21.16 ? 3   DC  A O2    1 
ATOM   53  N  N3    . DC  A 1 3  ? 5.991   5.725   8.069   1.00 19.86 ? 3   DC  A N3    1 
ATOM   54  C  C4    . DC  A 1 3  ? 4.803   5.831   8.614   1.00 21.54 ? 3   DC  A C4    1 
ATOM   55  N  N4    . DC  A 1 3  ? 4.357   4.817   9.370   1.00 21.47 ? 3   DC  A N4    1 
ATOM   56  C  C5    . DC  A 1 3  ? 3.977   7.021   8.558   1.00 23.04 ? 3   DC  A C5    1 
ATOM   57  C  C6    . DC  A 1 3  ? 4.535   7.989   7.791   1.00 22.47 ? 3   DC  A C6    1 
HETATM 58  P  P     . C6G A 1 4  ? 4.898   11.609  3.114   1.00 35.04 ? 4   C6G A P     1 
HETATM 59  O  OP1   . C6G A 1 4  ? 5.108   12.897  2.388   1.00 37.29 ? 4   C6G A OP1   1 
HETATM 60  O  OP2   . C6G A 1 4  ? 3.601   11.013  3.373   1.00 36.83 ? 4   C6G A OP2   1 
HETATM 61  O  "O5'" . C6G A 1 4  ? 5.932   10.558  2.323   1.00 31.21 ? 4   C6G A "O5'" 1 
HETATM 62  C  "C5'" . C6G A 1 4  ? 7.311   10.852  2.261   1.00 34.21 ? 4   C6G A "C5'" 1 
HETATM 63  C  "C4'" . C6G A 1 4  ? 8.036   9.700   1.636   1.00 39.17 ? 4   C6G A "C4'" 1 
HETATM 64  O  "O4'" . C6G A 1 4  ? 7.839   8.570   2.422   1.00 36.38 ? 4   C6G A "O4'" 1 
HETATM 65  C  "C1'" . C6G A 1 4  ? 7.191   7.496   1.718   1.00 35.48 ? 4   C6G A "C1'" 1 
HETATM 66  N  N9    . C6G A 1 4  ? 6.222   6.853   2.658   1.00 30.56 ? 4   C6G A N9    1 
HETATM 67  C  C8    . C6G A 1 4  ? 5.037   7.269   2.966   1.00 26.41 ? 4   C6G A C8    1 
HETATM 68  N  N7    . C6G A 1 4  ? 4.412   6.505   3.821   1.00 27.24 ? 4   C6G A N7    1 
HETATM 69  C  C5    . C6G A 1 4  ? 5.316   5.494   4.047   1.00 24.53 ? 4   C6G A C5    1 
HETATM 70  C  C4    . C6G A 1 4  ? 6.478   5.691   3.348   1.00 27.44 ? 4   C6G A C4    1 
HETATM 71  N  N3    . C6G A 1 4  ? 7.550   4.875   3.284   1.00 29.49 ? 4   C6G A N3    1 
HETATM 72  C  C2    . C6G A 1 4  ? 7.431   3.799   4.126   1.00 28.60 ? 4   C6G A C2    1 
HETATM 73  N  N2    . C6G A 1 4  ? 8.429   2.920   4.190   1.00 33.12 ? 4   C6G A N2    1 
HETATM 74  N  N1    . C6G A 1 4  ? 6.329   3.557   4.822   1.00 26.02 ? 4   C6G A N1    1 
HETATM 75  C  C6    . C6G A 1 4  ? 5.277   4.322   4.858   1.00 27.73 ? 4   C6G A C6    1 
HETATM 76  O  O6    . C6G A 1 4  ? 4.163   4.108   5.619   1.00 30.90 ? 4   C6G A O6    1 
HETATM 77  C  "C2'" . C6G A 1 4  ? 6.480   8.153   0.541   1.00 37.99 ? 4   C6G A "C2'" 1 
HETATM 78  C  "C3'" . C6G A 1 4  ? 7.457   9.326   0.290   1.00 39.58 ? 4   C6G A "C3'" 1 
HETATM 79  O  "O3'" . C6G A 1 4  ? 8.642   8.933   -0.456  1.00 42.93 ? 4   C6G A "O3'" 1 
HETATM 80  C  C     . C6G A 1 4  ? 2.938   3.046   7.083   1.00 33.22 ? 4   C6G A C     1 
HETATM 81  O  O     . C6G A 1 4  ? 2.106   4.036   6.983   1.00 33.88 ? 4   C6G A O     1 
HETATM 82  O  O7    . C6G A 1 4  ? 2.858   2.029   7.804   1.00 31.27 ? 4   C6G A O7    1 
HETATM 83  C  CH3   . C6G A 1 4  ? 4.171   2.917   6.330   1.00 29.07 ? 4   C6G A CH3   1 
ATOM   84  P  P     . DA  A 1 5  ? 8.404   8.139   -1.996  1.00 46.75 ? 5   DA  A P     1 
ATOM   85  O  OP1   . DA  A 1 5  ? 9.545   8.668   -2.818  1.00 50.60 ? 5   DA  A OP1   1 
ATOM   86  O  OP2   . DA  A 1 5  ? 6.955   8.087   -2.434  1.00 47.22 ? 5   DA  A OP2   1 
ATOM   87  O  "O5'" . DA  A 1 5  ? 8.586   6.562   -1.746  1.00 40.56 ? 5   DA  A "O5'" 1 
ATOM   88  C  "C5'" . DA  A 1 5  ? 9.843   6.045   -1.283  1.00 37.02 ? 5   DA  A "C5'" 1 
ATOM   89  C  "C4'" . DA  A 1 5  ? 9.564   4.584   -0.991  1.00 37.54 ? 5   DA  A "C4'" 1 
ATOM   90  O  "O4'" . DA  A 1 5  ? 8.545   4.356   0.034   1.00 34.30 ? 5   DA  A "O4'" 1 
ATOM   91  C  "C3'" . DA  A 1 5  ? 9.166   3.847   -2.237  1.00 35.45 ? 5   DA  A "C3'" 1 
ATOM   92  O  "O3'" . DA  A 1 5  ? 10.095  2.767   -2.440  1.00 40.05 ? 5   DA  A "O3'" 1 
ATOM   93  C  "C2'" . DA  A 1 5  ? 7.767   3.324   -1.898  1.00 33.43 ? 5   DA  A "C2'" 1 
ATOM   94  C  "C1'" . DA  A 1 5  ? 7.752   3.270   -0.401  1.00 31.46 ? 5   DA  A "C1'" 1 
ATOM   95  N  N9    . DA  A 1 5  ? 6.435   3.517   0.156   1.00 25.88 ? 5   DA  A N9    1 
ATOM   96  C  C8    . DA  A 1 5  ? 5.599   4.539   -0.055  1.00 23.96 ? 5   DA  A C8    1 
ATOM   97  N  N7    . DA  A 1 5  ? 4.454   4.509   0.617   1.00 24.25 ? 5   DA  A N7    1 
ATOM   98  C  C5    . DA  A 1 5  ? 4.588   3.323   1.338   1.00 19.43 ? 5   DA  A C5    1 
ATOM   99  C  C6    . DA  A 1 5  ? 3.712   2.704   2.296   1.00 20.31 ? 5   DA  A C6    1 
ATOM   100 N  N6    . DA  A 1 5  ? 2.520   3.190   2.683   1.00 23.82 ? 5   DA  A N6    1 
ATOM   101 N  N1    . DA  A 1 5  ? 4.117   1.536   2.824   1.00 21.97 ? 5   DA  A N1    1 
ATOM   102 C  C2    . DA  A 1 5  ? 5.286   1.023   2.452   1.00 23.02 ? 5   DA  A C2    1 
ATOM   103 N  N3    . DA  A 1 5  ? 6.170   1.554   1.626   1.00 23.94 ? 5   DA  A N3    1 
ATOM   104 C  C4    . DA  A 1 5  ? 5.746   2.704   1.096   1.00 22.47 ? 5   DA  A C4    1 
ATOM   105 P  P     . DA  A 1 6  ? 9.930   1.865   -3.765  1.00 39.82 ? 6   DA  A P     1 
ATOM   106 O  OP1   . DA  A 1 6  ? 11.339  1.490   -4.129  1.00 48.91 ? 6   DA  A OP1   1 
ATOM   107 O  OP2   . DA  A 1 6  ? 8.954   2.426   -4.726  1.00 44.94 ? 6   DA  A OP2   1 
ATOM   108 O  "O5'" . DA  A 1 6  ? 9.224   0.590   -3.084  1.00 39.13 ? 6   DA  A "O5'" 1 
ATOM   109 C  "C5'" . DA  A 1 6  ? 9.770   -0.103  -2.040  1.00 31.13 ? 6   DA  A "C5'" 1 
ATOM   110 C  "C4'" . DA  A 1 6  ? 8.815   -1.223  -1.603  1.00 31.25 ? 6   DA  A "C4'" 1 
ATOM   111 O  "O4'" . DA  A 1 6  ? 7.612   -0.671  -0.973  1.00 30.03 ? 6   DA  A "O4'" 1 
ATOM   112 C  "C3'" . DA  A 1 6  ? 8.341   -2.152  -2.691  1.00 29.16 ? 6   DA  A "C3'" 1 
ATOM   113 O  "O3'" . DA  A 1 6  ? 8.608   -3.511  -2.309  1.00 28.08 ? 6   DA  A "O3'" 1 
ATOM   114 C  "C2'" . DA  A 1 6  ? 6.857   -1.821  -2.841  1.00 26.34 ? 6   DA  A "C2'" 1 
ATOM   115 C  "C1'" . DA  A 1 6  ? 6.461   -1.312  -1.491  1.00 24.86 ? 6   DA  A "C1'" 1 
ATOM   116 N  N9    . DA  A 1 6  ? 5.439   -0.348  -1.498  1.00 23.51 ? 6   DA  A N9    1 
ATOM   117 C  C8    . DA  A 1 6  ? 5.354   0.808   -2.187  1.00 21.50 ? 6   DA  A C8    1 
ATOM   118 N  N7    . DA  A 1 6  ? 4.295   1.549   -1.977  1.00 22.20 ? 6   DA  A N7    1 
ATOM   119 C  C5    . DA  A 1 6  ? 3.641   0.791   -1.011  1.00 18.74 ? 6   DA  A C5    1 
ATOM   120 C  C6    . DA  A 1 6  ? 2.430   1.033   -0.335  1.00 20.15 ? 6   DA  A C6    1 
ATOM   121 N  N6    . DA  A 1 6  ? 1.715   2.130   -0.487  1.00 19.02 ? 6   DA  A N6    1 
ATOM   122 N  N1    . DA  A 1 6  ? 2.023   0.110   0.528   1.00 18.95 ? 6   DA  A N1    1 
ATOM   123 C  C2    . DA  A 1 6  ? 2.750   -0.987  0.702   1.00 18.76 ? 6   DA  A C2    1 
ATOM   124 N  N3    . DA  A 1 6  ? 3.925   -1.295  0.176   1.00 20.27 ? 6   DA  A N3    1 
ATOM   125 C  C4    . DA  A 1 6  ? 4.302   -0.360  -0.718  1.00 21.65 ? 6   DA  A C4    1 
ATOM   126 P  P     . DT  A 1 7  ? 8.371   -4.772  -3.344  1.00 26.79 ? 7   DT  A P     1 
ATOM   127 O  OP1   . DT  A 1 7  ? 9.263   -5.781  -2.805  1.00 29.50 ? 7   DT  A OP1   1 
ATOM   128 O  OP2   . DT  A 1 7  ? 8.414   -4.272  -4.731  1.00 25.95 ? 7   DT  A OP2   1 
ATOM   129 O  "O5'" . DT  A 1 7  ? 6.871   -5.231  -3.053  1.00 24.50 ? 7   DT  A "O5'" 1 
ATOM   130 C  "C5'" . DT  A 1 7  ? 6.561   -5.681  -1.684  1.00 24.48 ? 7   DT  A "C5'" 1 
ATOM   131 C  "C4'" . DT  A 1 7  ? 5.052   -5.790  -1.526  1.00 24.78 ? 7   DT  A "C4'" 1 
ATOM   132 O  "O4'" . DT  A 1 7  ? 4.477   -4.424  -1.629  1.00 23.14 ? 7   DT  A "O4'" 1 
ATOM   133 C  "C3'" . DT  A 1 7  ? 4.360   -6.515  -2.597  1.00 24.12 ? 7   DT  A "C3'" 1 
ATOM   134 O  "O3'" . DT  A 1 7  ? 3.977   -7.773  -1.986  1.00 29.22 ? 7   DT  A "O3'" 1 
ATOM   135 C  "C2'" . DT  A 1 7  ? 3.211   -5.633  -3.067  1.00 22.00 ? 7   DT  A "C2'" 1 
ATOM   136 C  "C1'" . DT  A 1 7  ? 3.158   -4.599  -1.996  1.00 21.34 ? 7   DT  A "C1'" 1 
ATOM   137 N  N1    . DT  A 1 7  ? 2.589   -3.288  -2.452  1.00 20.54 ? 7   DT  A N1    1 
ATOM   138 C  C2    . DT  A 1 7  ? 1.463   -2.766  -1.894  1.00 20.53 ? 7   DT  A C2    1 
ATOM   139 O  O2    . DT  A 1 7  ? 0.824   -3.373  -1.020  1.00 21.00 ? 7   DT  A O2    1 
ATOM   140 N  N3    . DT  A 1 7  ? 1.070   -1.562  -2.330  1.00 17.41 ? 7   DT  A N3    1 
ATOM   141 C  C4    . DT  A 1 7  ? 1.680   -0.780  -3.286  1.00 19.49 ? 7   DT  A C4    1 
ATOM   142 O  O4    . DT  A 1 7  ? 1.259   0.329   -3.585  1.00 18.67 ? 7   DT  A O4    1 
ATOM   143 C  C5    . DT  A 1 7  ? 2.883   -1.389  -3.849  1.00 17.97 ? 7   DT  A C5    1 
ATOM   144 C  C7    . DT  A 1 7  ? 3.601   -0.636  -4.953  1.00 21.59 ? 7   DT  A C7    1 
ATOM   145 C  C6    . DT  A 1 7  ? 3.263   -2.536  -3.426  1.00 18.83 ? 7   DT  A C6    1 
ATOM   146 P  P     . DT  A 1 8  ? 3.177   -8.913  -2.743  1.00 30.57 ? 8   DT  A P     1 
ATOM   147 O  OP1   . DT  A 1 8  ? 3.436   -10.100 -1.918  1.00 34.17 ? 8   DT  A OP1   1 
ATOM   148 O  OP2   . DT  A 1 8  ? 3.321   -8.921  -4.247  1.00 32.42 ? 8   DT  A OP2   1 
ATOM   149 O  "O5'" . DT  A 1 8  ? 1.649   -8.556  -2.551  1.00 28.51 ? 8   DT  A "O5'" 1 
ATOM   150 C  "C5'" . DT  A 1 8  ? 1.182   -8.531  -1.165  1.00 28.37 ? 8   DT  A "C5'" 1 
ATOM   151 C  "C4'" . DT  A 1 8  ? -0.266  -8.110  -1.121  1.00 27.14 ? 8   DT  A "C4'" 1 
ATOM   152 O  "O4'" . DT  A 1 8  ? -0.344  -6.727  -1.633  1.00 26.64 ? 8   DT  A "O4'" 1 
ATOM   153 C  "C3'" . DT  A 1 8  ? -1.224  -8.906  -1.986  1.00 29.69 ? 8   DT  A "C3'" 1 
ATOM   154 O  "O3'" . DT  A 1 8  ? -2.220  -9.448  -1.021  1.00 33.47 ? 8   DT  A "O3'" 1 
ATOM   155 C  "C2'" . DT  A 1 8  ? -1.716  -7.950  -3.056  1.00 27.81 ? 8   DT  A "C2'" 1 
ATOM   156 C  "C1'" . DT  A 1 8  ? -1.520  -6.592  -2.367  1.00 24.55 ? 8   DT  A "C1'" 1 
ATOM   157 N  N1    . DT  A 1 8  ? -1.339  -5.426  -3.235  1.00 22.50 ? 8   DT  A N1    1 
ATOM   158 C  C2    . DT  A 1 8  ? -2.107  -4.312  -3.129  1.00 23.47 ? 8   DT  A C2    1 
ATOM   159 O  O2    . DT  A 1 8  ? -3.029  -4.219  -2.312  1.00 24.76 ? 8   DT  A O2    1 
ATOM   160 N  N3    . DT  A 1 8  ? -1.788  -3.277  -3.942  1.00 22.06 ? 8   DT  A N3    1 
ATOM   161 C  C4    . DT  A 1 8  ? -0.777  -3.214  -4.900  1.00 24.53 ? 8   DT  A C4    1 
ATOM   162 O  O4    . DT  A 1 8  ? -0.569  -2.190  -5.529  1.00 22.36 ? 8   DT  A O4    1 
ATOM   163 C  C5    . DT  A 1 8  ? 0.018   -4.405  -4.945  1.00 21.99 ? 8   DT  A C5    1 
ATOM   164 C  C7    . DT  A 1 8  ? 1.181   -4.456  -5.863  1.00 25.81 ? 8   DT  A C7    1 
ATOM   165 C  C6    . DT  A 1 8  ? -0.240  -5.403  -4.121  1.00 24.25 ? 8   DT  A C6    1 
ATOM   166 P  P     . DT  A 1 9  ? -3.352  -10.477 -1.519  1.00 35.65 ? 9   DT  A P     1 
ATOM   167 O  OP1   . DT  A 1 9  ? -3.453  -11.403 -0.322  1.00 41.02 ? 9   DT  A OP1   1 
ATOM   168 O  OP2   . DT  A 1 9  ? -3.036  -10.893 -2.941  1.00 35.34 ? 9   DT  A OP2   1 
ATOM   169 O  "O5'" . DT  A 1 9  ? -4.657  -9.580  -1.703  1.00 33.55 ? 9   DT  A "O5'" 1 
ATOM   170 C  "C5'" . DT  A 1 9  ? -5.032  -8.739  -0.661  1.00 31.08 ? 9   DT  A "C5'" 1 
ATOM   171 C  "C4'" . DT  A 1 9  ? -5.880  -7.633  -1.202  1.00 29.18 ? 9   DT  A "C4'" 1 
ATOM   172 O  "O4'" . DT  A 1 9  ? -5.028  -6.868  -2.138  1.00 31.55 ? 9   DT  A "O4'" 1 
ATOM   173 C  "C3'" . DT  A 1 9  ? -7.028  -8.042  -2.060  1.00 31.94 ? 9   DT  A "C3'" 1 
ATOM   174 O  "O3'" . DT  A 1 9  ? -8.214  -8.160  -1.108  1.00 33.80 ? 9   DT  A "O3'" 1 
ATOM   175 C  "C2'" . DT  A 1 9  ? -7.161  -6.816  -2.976  1.00 33.65 ? 9   DT  A "C2'" 1 
ATOM   176 C  "C1'" . DT  A 1 9  ? -5.790  -6.255  -3.154  1.00 28.48 ? 9   DT  A "C1'" 1 
ATOM   177 N  N1    . DT  A 1 9  ? -5.061  -6.661  -4.384  1.00 31.50 ? 9   DT  A N1    1 
ATOM   178 C  C2    . DT  A 1 9  ? -4.662  -5.675  -5.236  1.00 35.22 ? 9   DT  A C2    1 
ATOM   179 O  O2    . DT  A 1 9  ? -4.956  -4.573  -5.089  1.00 31.56 ? 9   DT  A O2    1 
ATOM   180 N  N3    . DT  A 1 9  ? -3.895  -6.144  -6.256  1.00 32.84 ? 9   DT  A N3    1 
ATOM   181 C  C4    . DT  A 1 9  ? -3.551  -7.434  -6.560  1.00 40.37 ? 9   DT  A C4    1 
ATOM   182 O  O4    . DT  A 1 9  ? -2.884  -7.672  -7.584  1.00 44.48 ? 9   DT  A O4    1 
ATOM   183 C  C5    . DT  A 1 9  ? -4.010  -8.452  -5.658  1.00 39.02 ? 9   DT  A C5    1 
ATOM   184 C  C7    . DT  A 1 9  ? -3.663  -9.907  -5.861  1.00 40.95 ? 9   DT  A C7    1 
ATOM   185 C  C6    . DT  A 1 9  ? -4.740  -7.992  -4.606  1.00 33.99 ? 9   DT  A C6    1 
ATOM   186 P  P     . DG  A 1 10 ? -9.553  -8.905  -1.621  1.00 37.45 ? 10  DG  A P     1 
ATOM   187 O  OP1   . DG  A 1 10 ? -10.471 -8.979  -0.405  1.00 40.19 ? 10  DG  A OP1   1 
ATOM   188 O  OP2   . DG  A 1 10 ? -9.235  -10.100 -2.466  1.00 37.02 ? 10  DG  A OP2   1 
ATOM   189 O  "O5'" . DG  A 1 10 ? -10.239 -7.822  -2.659  1.00 34.96 ? 10  DG  A "O5'" 1 
ATOM   190 C  "C5'" . DG  A 1 10 ? -10.722 -6.578  -2.235  1.00 32.79 ? 10  DG  A "C5'" 1 
ATOM   191 C  "C4'" . DG  A 1 10 ? -11.367 -5.848  -3.387  1.00 32.47 ? 10  DG  A "C4'" 1 
ATOM   192 O  "O4'" . DG  A 1 10 ? -10.241 -5.465  -4.221  1.00 30.74 ? 10  DG  A "O4'" 1 
ATOM   193 C  "C3'" . DG  A 1 10 ? -12.249 -6.647  -4.292  1.00 33.13 ? 10  DG  A "C3'" 1 
ATOM   194 O  "O3'" . DG  A 1 10 ? -13.216 -5.834  -4.852  1.00 38.70 ? 10  DG  A "O3'" 1 
ATOM   195 C  "C2'" . DG  A 1 10 ? -11.334 -7.121  -5.414  1.00 32.94 ? 10  DG  A "C2'" 1 
ATOM   196 C  "C1'" . DG  A 1 10 ? -10.571 -5.760  -5.563  1.00 29.64 ? 10  DG  A "C1'" 1 
ATOM   197 N  N9    . DG  A 1 10 ? -9.318  -5.912  -6.294  1.00 26.55 ? 10  DG  A N9    1 
ATOM   198 C  C8    . DG  A 1 10 ? -8.482  -7.008  -6.416  1.00 23.07 ? 10  DG  A C8    1 
ATOM   199 N  N7    . DG  A 1 10 ? -7.449  -6.800  -7.171  1.00 27.45 ? 10  DG  A N7    1 
ATOM   200 C  C5    . DG  A 1 10 ? -7.623  -5.472  -7.593  1.00 22.97 ? 10  DG  A C5    1 
ATOM   201 C  C6    . DG  A 1 10 ? -6.829  -4.658  -8.439  1.00 21.61 ? 10  DG  A C6    1 
ATOM   202 O  O6    . DG  A 1 10 ? -5.815  -4.939  -8.981  1.00 25.55 ? 10  DG  A O6    1 
ATOM   203 N  N1    . DG  A 1 10 ? -7.383  -3.403  -8.585  1.00 22.03 ? 10  DG  A N1    1 
ATOM   204 C  C2    . DG  A 1 10 ? -8.485  -2.910  -8.011  1.00 21.58 ? 10  DG  A C2    1 
ATOM   205 N  N2    . DG  A 1 10 ? -8.862  -1.665  -8.304  1.00 25.08 ? 10  DG  A N2    1 
ATOM   206 N  N3    . DG  A 1 10 ? -9.268  -3.671  -7.195  1.00 24.11 ? 10  DG  A N3    1 
ATOM   207 C  C4    . DG  A 1 10 ? -8.738  -4.897  -7.054  1.00 23.69 ? 10  DG  A C4    1 
ATOM   208 P  P     . DC  A 1 11 ? -14.857 -6.081  -4.679  1.00 45.24 ? 11  DC  A P     1 
ATOM   209 O  OP1   . DC  A 1 11 ? -15.085 -6.109  -3.197  1.00 49.04 ? 11  DC  A OP1   1 
ATOM   210 O  OP2   . DC  A 1 11 ? -15.307 -7.157  -5.552  1.00 42.09 ? 11  DC  A OP2   1 
ATOM   211 O  "O5'" . DC  A 1 11 ? -15.552 -4.724  -5.231  1.00 41.83 ? 11  DC  A "O5'" 1 
ATOM   212 C  "C5'" . DC  A 1 11 ? -15.286 -3.485  -4.550  1.00 46.00 ? 11  DC  A "C5'" 1 
ATOM   213 C  "C4'" . DC  A 1 11 ? -14.877 -2.331  -5.466  1.00 46.84 ? 11  DC  A "C4'" 1 
ATOM   214 O  "O4'" . DC  A 1 11 ? -13.690 -2.540  -6.282  1.00 42.35 ? 11  DC  A "O4'" 1 
ATOM   215 C  "C3'" . DC  A 1 11 ? -15.849 -1.847  -6.496  1.00 53.32 ? 11  DC  A "C3'" 1 
ATOM   216 O  "O3'" . DC  A 1 11 ? -15.528 -0.411  -6.615  1.00 61.72 ? 11  DC  A "O3'" 1 
ATOM   217 C  "C2'" . DC  A 1 11 ? -15.447 -2.612  -7.752  1.00 46.45 ? 11  DC  A "C2'" 1 
ATOM   218 C  "C1'" . DC  A 1 11 ? -13.965 -2.345  -7.680  1.00 39.03 ? 11  DC  A "C1'" 1 
ATOM   219 N  N1    . DC  A 1 11 ? -13.150 -3.361  -8.299  1.00 32.77 ? 11  DC  A N1    1 
ATOM   220 C  C2    . DC  A 1 11 ? -12.095 -2.962  -9.149  1.00 29.82 ? 11  DC  A C2    1 
ATOM   221 O  O2    . DC  A 1 11 ? -11.953 -1.783  -9.387  1.00 28.28 ? 11  DC  A O2    1 
ATOM   222 N  N3    . DC  A 1 11 ? -11.336 -3.923  -9.691  1.00 26.19 ? 11  DC  A N3    1 
ATOM   223 C  C4    . DC  A 1 11 ? -11.488 -5.183  -9.385  1.00 24.19 ? 11  DC  A C4    1 
ATOM   224 N  N4    . DC  A 1 11 ? -10.631 -6.107  -9.849  1.00 26.57 ? 11  DC  A N4    1 
ATOM   225 C  C5    . DC  A 1 11 ? -12.521 -5.609  -8.502  1.00 30.23 ? 11  DC  A C5    1 
ATOM   226 C  C6    . DC  A 1 11 ? -13.319 -4.677  -8.030  1.00 28.77 ? 11  DC  A C6    1 
ATOM   227 P  P     . DG  A 1 12 ? -16.715 0.692   -6.826  1.00 66.15 ? 12  DG  A P     1 
ATOM   228 O  OP1   . DG  A 1 12 ? -16.231 1.842   -6.011  1.00 66.68 ? 12  DG  A OP1   1 
ATOM   229 O  OP2   . DG  A 1 12 ? -18.091 0.071   -6.649  1.00 68.77 ? 12  DG  A OP2   1 
ATOM   230 O  "O5'" . DG  A 1 12 ? -16.595 1.006   -8.433  1.00 64.13 ? 12  DG  A "O5'" 1 
ATOM   231 C  "C5'" . DG  A 1 12 ? -17.587 0.380   -9.314  1.00 54.82 ? 12  DG  A "C5'" 1 
ATOM   232 C  "C4'" . DG  A 1 12 ? -17.085 0.600   -10.726 1.00 44.62 ? 12  DG  A "C4'" 1 
ATOM   233 O  "O4'" . DG  A 1 12 ? -15.828 -0.122  -10.775 1.00 41.00 ? 12  DG  A "O4'" 1 
ATOM   234 C  "C3'" . DG  A 1 12 ? -17.997 -0.102  -11.690 1.00 44.11 ? 12  DG  A "C3'" 1 
ATOM   235 O  "O3'" . DG  A 1 12 ? -19.222 0.687   -12.020 1.00 43.89 ? 12  DG  A "O3'" 1 
ATOM   236 C  "C2'" . DG  A 1 12 ? -16.982 -0.366  -12.807 1.00 37.16 ? 12  DG  A "C2'" 1 
ATOM   237 C  "C1'" . DG  A 1 12 ? -15.677 -0.721  -12.068 1.00 35.49 ? 12  DG  A "C1'" 1 
ATOM   238 N  N9    . DG  A 1 12 ? -15.339 -2.129  -11.888 1.00 28.30 ? 12  DG  A N9    1 
ATOM   239 C  C8    . DG  A 1 12 ? -16.016 -3.103  -11.156 1.00 29.31 ? 12  DG  A C8    1 
ATOM   240 N  N7    . DG  A 1 12 ? -15.422 -4.279  -11.174 1.00 29.22 ? 12  DG  A N7    1 
ATOM   241 C  C5    . DG  A 1 12 ? -14.282 -4.036  -11.946 1.00 24.56 ? 12  DG  A C5    1 
ATOM   242 C  C6    . DG  A 1 12 ? -13.264 -4.920  -12.317 1.00 25.38 ? 12  DG  A C6    1 
ATOM   243 O  O6    . DG  A 1 12 ? -13.143 -6.131  -12.027 1.00 27.24 ? 12  DG  A O6    1 
ATOM   244 N  N1    . DG  A 1 12 ? -12.325 -4.328  -13.155 1.00 22.70 ? 12  DG  A N1    1 
ATOM   245 C  C2    . DG  A 1 12 ? -12.344 -3.019  -13.519 1.00 21.82 ? 12  DG  A C2    1 
ATOM   246 N  N2    . DG  A 1 12 ? -11.362 -2.581  -14.345 1.00 20.81 ? 12  DG  A N2    1 
ATOM   247 N  N3    . DG  A 1 12 ? -13.315 -2.182  -13.142 1.00 21.98 ? 12  DG  A N3    1 
ATOM   248 C  C4    . DG  A 1 12 ? -14.241 -2.759  -12.409 1.00 25.31 ? 12  DG  A C4    1 
ATOM   249 O  "O5'" . DC  B 1 1  ? -6.563  -9.058  -18.224 1.00 44.84 ? 13  DC  B "O5'" 1 
ATOM   250 C  "C5'" . DC  B 1 1  ? -6.575  -7.991  -19.195 1.00 42.59 ? 13  DC  B "C5'" 1 
ATOM   251 C  "C4'" . DC  B 1 1  ? -6.594  -6.612  -18.490 1.00 37.11 ? 13  DC  B "C4'" 1 
ATOM   252 O  "O4'" . DC  B 1 1  ? -7.815  -6.503  -17.692 1.00 33.80 ? 13  DC  B "O4'" 1 
ATOM   253 C  "C3'" . DC  B 1 1  ? -5.471  -6.294  -17.530 1.00 35.17 ? 13  DC  B "C3'" 1 
ATOM   254 O  "O3'" . DC  B 1 1  ? -5.211  -4.927  -17.394 1.00 39.11 ? 13  DC  B "O3'" 1 
ATOM   255 C  "C2'" . DC  B 1 1  ? -6.041  -6.685  -16.203 1.00 36.01 ? 13  DC  B "C2'" 1 
ATOM   256 C  "C1'" . DC  B 1 1  ? -7.451  -6.043  -16.368 1.00 29.90 ? 13  DC  B "C1'" 1 
ATOM   257 N  N1    . DC  B 1 1  ? -8.399  -6.567  -15.452 1.00 28.39 ? 13  DC  B N1    1 
ATOM   258 C  C2    . DC  B 1 1  ? -9.393  -5.710  -14.918 1.00 24.89 ? 13  DC  B C2    1 
ATOM   259 O  O2    . DC  B 1 1  ? -9.405  -4.530  -15.331 1.00 24.75 ? 13  DC  B O2    1 
ATOM   260 N  N3    . DC  B 1 1  ? -10.232 -6.185  -14.040 1.00 26.00 ? 13  DC  B N3    1 
ATOM   261 C  C4    . DC  B 1 1  ? -10.197 -7.433  -13.588 1.00 30.58 ? 13  DC  B C4    1 
ATOM   262 N  N4    . DC  B 1 1  ? -11.108 -7.772  -12.691 1.00 30.90 ? 13  DC  B N4    1 
ATOM   263 C  C5    . DC  B 1 1  ? -9.204  -8.341  -14.048 1.00 30.85 ? 13  DC  B C5    1 
ATOM   264 C  C6    . DC  B 1 1  ? -8.324  -7.861  -14.949 1.00 30.16 ? 13  DC  B C6    1 
ATOM   265 P  P     . DG  B 1 2  ? -3.688  -4.316  -17.544 1.00 42.88 ? 14  DG  B P     1 
ATOM   266 O  OP1   . DG  B 1 2  ? -3.236  -4.554  -18.994 1.00 39.31 ? 14  DG  B OP1   1 
ATOM   267 O  OP2   . DG  B 1 2  ? -2.859  -4.727  -16.359 1.00 38.89 ? 14  DG  B OP2   1 
ATOM   268 O  "O5'" . DG  B 1 2  ? -4.066  -2.750  -17.500 1.00 38.44 ? 14  DG  B "O5'" 1 
ATOM   269 C  "C5'" . DG  B 1 2  ? -5.129  -2.226  -18.279 1.00 33.48 ? 14  DG  B "C5'" 1 
ATOM   270 C  "C4'" . DG  B 1 2  ? -5.717  -1.084  -17.441 1.00 31.28 ? 14  DG  B "C4'" 1 
ATOM   271 O  "O4'" . DG  B 1 2  ? -6.694  -1.624  -16.494 1.00 28.65 ? 14  DG  B "O4'" 1 
ATOM   272 C  "C3'" . DG  B 1 2  ? -4.642  -0.399  -16.648 1.00 33.99 ? 14  DG  B "C3'" 1 
ATOM   273 O  "O3'" . DG  B 1 2  ? -4.622  0.993   -16.711 1.00 29.00 ? 14  DG  B "O3'" 1 
ATOM   274 C  "C2'" . DG  B 1 2  ? -4.816  -0.929  -15.245 1.00 30.42 ? 14  DG  B "C2'" 1 
ATOM   275 C  "C1'" . DG  B 1 2  ? -6.299  -1.177  -15.187 1.00 33.51 ? 14  DG  B "C1'" 1 
ATOM   276 N  N9    . DG  B 1 2  ? -6.557  -2.309  -14.292 1.00 28.35 ? 14  DG  B N9    1 
ATOM   277 C  C8    . DG  B 1 2  ? -5.942  -3.503  -14.255 1.00 26.31 ? 14  DG  B C8    1 
ATOM   278 N  N7    . DG  B 1 2  ? -6.418  -4.348  -13.354 1.00 23.33 ? 14  DG  B N7    1 
ATOM   279 C  C5    . DG  B 1 2  ? -7.419  -3.631  -12.779 1.00 21.75 ? 14  DG  B C5    1 
ATOM   280 C  C6    . DG  B 1 2  ? -8.364  -4.032  -11.789 1.00 22.96 ? 14  DG  B C6    1 
ATOM   281 O  O6    . DG  B 1 2  ? -8.428  -5.138  -11.190 1.00 22.83 ? 14  DG  B O6    1 
ATOM   282 N  N1    . DG  B 1 2  ? -9.223  -3.018  -11.513 1.00 20.46 ? 14  DG  B N1    1 
ATOM   283 C  C2    . DG  B 1 2  ? -9.335  -1.796  -12.084 1.00 23.30 ? 14  DG  B C2    1 
ATOM   284 N  N2    . DG  B 1 2  ? -10.259 -0.971  -11.639 1.00 23.39 ? 14  DG  B N2    1 
ATOM   285 N  N3    . DG  B 1 2  ? -8.489  -1.435  -13.025 1.00 23.64 ? 14  DG  B N3    1 
ATOM   286 C  C4    . DG  B 1 2  ? -7.610  -2.403  -13.299 1.00 22.99 ? 14  DG  B C4    1 
ATOM   287 P  P     . DC  B 1 3  ? -3.485  1.804   -15.900 1.00 32.23 ? 15  DC  B P     1 
ATOM   288 O  OP1   . DC  B 1 3  ? -3.224  2.944   -16.805 1.00 35.68 ? 15  DC  B OP1   1 
ATOM   289 O  OP2   . DC  B 1 3  ? -2.386  0.921   -15.365 1.00 34.43 ? 15  DC  B OP2   1 
ATOM   290 O  "O5'" . DC  B 1 3  ? -4.246  2.410   -14.633 1.00 28.20 ? 15  DC  B "O5'" 1 
ATOM   291 C  "C5'" . DC  B 1 3  ? -5.459  3.155   -14.747 1.00 29.17 ? 15  DC  B "C5'" 1 
ATOM   292 C  "C4'" . DC  B 1 3  ? -6.134  3.272   -13.381 1.00 28.51 ? 15  DC  B "C4'" 1 
ATOM   293 O  "O4'" . DC  B 1 3  ? -6.407  1.912   -13.029 1.00 27.08 ? 15  DC  B "O4'" 1 
ATOM   294 C  "C3'" . DC  B 1 3  ? -5.237  3.797   -12.261 1.00 30.45 ? 15  DC  B "C3'" 1 
ATOM   295 O  "O3'" . DC  B 1 3  ? -5.574  5.090   -12.012 1.00 32.99 ? 15  DC  B "O3'" 1 
ATOM   296 C  "C2'" . DC  B 1 3  ? -5.661  3.002   -11.045 1.00 31.35 ? 15  DC  B "C2'" 1 
ATOM   297 C  "C1'" . DC  B 1 3  ? -6.364  1.798   -11.550 1.00 28.79 ? 15  DC  B "C1'" 1 
ATOM   298 N  N1    . DC  B 1 3  ? -5.763  0.544   -11.279 1.00 25.40 ? 15  DC  B N1    1 
ATOM   299 C  C2    . DC  B 1 3  ? -6.404  -0.368  -10.412 1.00 24.57 ? 15  DC  B C2    1 
ATOM   300 O  O2    . DC  B 1 3  ? -7.408  0.010   -9.857  1.00 25.20 ? 15  DC  B O2    1 
ATOM   301 N  N3    . DC  B 1 3  ? -5.914  -1.564  -10.300 1.00 22.72 ? 15  DC  B N3    1 
ATOM   302 C  C4    . DC  B 1 3  ? -4.825  -1.975  -10.933 1.00 24.56 ? 15  DC  B C4    1 
ATOM   303 N  N4    . DC  B 1 3  ? -4.358  -3.205  -10.734 1.00 27.32 ? 15  DC  B N4    1 
ATOM   304 C  C5    . DC  B 1 3  ? -4.089  -1.084  -11.790 1.00 24.54 ? 15  DC  B C5    1 
ATOM   305 C  C6    . DC  B 1 3  ? -4.615  0.112   -11.924 1.00 25.88 ? 15  DC  B C6    1 
HETATM 306 P  P     . C6G B 1 4  ? -4.647  5.971   -11.039 1.00 35.91 ? 16  C6G B P     1 
HETATM 307 O  OP1   . C6G B 1 4  ? -3.361  5.263   -10.856 1.00 35.96 ? 16  C6G B OP1   1 
HETATM 308 O  OP2   . C6G B 1 4  ? -4.895  7.314   -11.531 1.00 41.13 ? 16  C6G B OP2   1 
HETATM 309 O  "O5'" . C6G B 1 4  ? -5.449  5.780   -9.573  1.00 33.73 ? 16  C6G B "O5'" 1 
HETATM 310 C  "C5'" . C6G B 1 4  ? -6.767  6.224   -9.477  1.00 33.57 ? 16  C6G B "C5'" 1 
HETATM 311 C  "C4'" . C6G B 1 4  ? -7.380  5.721   -8.207  1.00 35.43 ? 16  C6G B "C4'" 1 
HETATM 312 O  "O4'" . C6G B 1 4  ? -7.165  4.311   -8.164  1.00 36.31 ? 16  C6G B "O4'" 1 
HETATM 313 C  "C1'" . C6G B 1 4  ? -6.406  4.000   -6.996  1.00 34.56 ? 16  C6G B "C1'" 1 
HETATM 314 N  N9    . C6G B 1 4  ? -5.554  2.875   -7.292  1.00 30.29 ? 16  C6G B N9    1 
HETATM 315 C  C8    . C6G B 1 4  ? -4.422  2.884   -7.957  1.00 27.80 ? 16  C6G B C8    1 
HETATM 316 N  N7    . C6G B 1 4  ? -3.891  1.730   -8.095  1.00 28.53 ? 16  C6G B N7    1 
HETATM 317 C  C5    . C6G B 1 4  ? -4.754  0.886   -7.428  1.00 23.42 ? 16  C6G B C5    1 
HETATM 318 C  C4    . C6G B 1 4  ? -5.829  1.551   -6.939  1.00 29.13 ? 16  C6G B C4    1 
HETATM 319 N  N3    . C6G B 1 4  ? -6.897  1.028   -6.240  1.00 28.40 ? 16  C6G B N3    1 
HETATM 320 C  C2    . C6G B 1 4  ? -6.746  -0.327  -6.073  1.00 28.77 ? 16  C6G B C2    1 
HETATM 321 N  N2    . C6G B 1 4  ? -7.675  -0.963  -5.367  1.00 28.94 ? 16  C6G B N2    1 
HETATM 322 N  N1    . C6G B 1 4  ? -5.693  -0.997  -6.532  1.00 23.79 ? 16  C6G B N1    1 
HETATM 323 C  C6    . C6G B 1 4  ? -4.728  -0.509  -7.218  1.00 29.64 ? 16  C6G B C6    1 
HETATM 324 O  O6    . C6G B 1 4  ? -3.694  -1.263  -7.657  1.00 24.38 ? 16  C6G B O6    1 
HETATM 325 C  "C2'" . C6G B 1 4  ? -5.640  5.273   -6.562  1.00 33.01 ? 16  C6G B "C2'" 1 
HETATM 326 C  "C3'" . C6G B 1 4  ? -6.654  6.322   -7.005  1.00 38.58 ? 16  C6G B "C3'" 1 
HETATM 327 O  "O3'" . C6G B 1 4  ? -7.684  6.586   -5.998  1.00 40.11 ? 16  C6G B "O3'" 1 
HETATM 328 C  C     . C6G B 1 4  ? -2.581  -3.162  -7.858  1.00 30.34 ? 16  C6G B C     1 
HETATM 329 O  O     . C6G B 1 4  ? -1.887  -2.326  -8.521  1.00 31.72 ? 16  C6G B O     1 
HETATM 330 O  O7    . C6G B 1 4  ? -2.363  -4.396  -7.658  1.00 34.36 ? 16  C6G B O7    1 
HETATM 331 C  CH3   . C6G B 1 4  ? -3.841  -2.605  -7.311  1.00 33.85 ? 16  C6G B CH3   1 
ATOM   332 P  P     . DA  B 1 5  ? -7.267  6.668   -4.440  1.00 38.45 ? 17  DA  B P     1 
ATOM   333 O  OP1   . DA  B 1 5  ? -8.344  7.601   -3.987  1.00 41.01 ? 17  DA  B OP1   1 
ATOM   334 O  OP2   . DA  B 1 5  ? -5.874  6.930   -4.161  1.00 35.07 ? 17  DA  B OP2   1 
ATOM   335 O  "O5'" . DA  B 1 5  ? -7.694  5.285   -3.802  1.00 36.26 ? 17  DA  B "O5'" 1 
ATOM   336 C  "C5'" . DA  B 1 5  ? -8.900  4.703   -4.039  1.00 32.16 ? 17  DA  B "C5'" 1 
ATOM   337 C  "C4'" . DA  B 1 5  ? -9.048  3.540   -3.046  1.00 32.66 ? 17  DA  B "C4'" 1 
ATOM   338 O  "O4'" . DA  B 1 5  ? -8.053  2.521   -3.416  1.00 27.62 ? 17  DA  B "O4'" 1 
ATOM   339 C  "C3'" . DA  B 1 5  ? -8.790  3.877   -1.606  1.00 31.42 ? 17  DA  B "C3'" 1 
ATOM   340 O  "O3'" . DA  B 1 5  ? -9.763  3.119   -0.826  1.00 34.33 ? 17  DA  B "O3'" 1 
ATOM   341 C  "C2'" . DA  B 1 5  ? -7.305  3.443   -1.352  1.00 31.39 ? 17  DA  B "C2'" 1 
ATOM   342 C  "C1'" . DA  B 1 5  ? -7.145  2.285   -2.342  1.00 26.95 ? 17  DA  B "C1'" 1 
ATOM   343 N  N9    . DA  B 1 5  ? -5.834  2.131   -3.003  1.00 24.75 ? 17  DA  B N9    1 
ATOM   344 C  C8    . DA  B 1 5  ? -5.060  3.074   -3.532  1.00 23.53 ? 17  DA  B C8    1 
ATOM   345 N  N7    . DA  B 1 5  ? -3.934  2.603   -4.117  1.00 25.93 ? 17  DA  B N7    1 
ATOM   346 C  C5    . DA  B 1 5  ? -4.032  1.287   -3.890  1.00 18.10 ? 17  DA  B C5    1 
ATOM   347 C  C6    . DA  B 1 5  ? -3.152  0.201   -4.252  1.00 17.78 ? 17  DA  B C6    1 
ATOM   348 N  N6    . DA  B 1 5  ? -1.986  0.359   -4.950  1.00 20.59 ? 17  DA  B N6    1 
ATOM   349 N  N1    . DA  B 1 5  ? -3.492  -0.994  -3.850  1.00 19.26 ? 17  DA  B N1    1 
ATOM   350 C  C2    . DA  B 1 5  ? -4.651  -1.209  -3.169  1.00 18.25 ? 17  DA  B C2    1 
ATOM   351 N  N3    . DA  B 1 5  ? -5.598  -0.248  -2.782  1.00 20.54 ? 17  DA  B N3    1 
ATOM   352 C  C4    . DA  B 1 5  ? -5.170  0.947   -3.202  1.00 19.07 ? 17  DA  B C4    1 
ATOM   353 P  P     . DA  B 1 6  ? -9.656  3.184   0.785   1.00 35.77 ? 18  DA  B P     1 
ATOM   354 O  OP1   . DA  B 1 6  ? -11.095 2.980   1.203   1.00 36.93 ? 18  DA  B OP1   1 
ATOM   355 O  OP2   . DA  B 1 6  ? -8.864  4.352   1.206   1.00 36.13 ? 18  DA  B OP2   1 
ATOM   356 O  "O5'" . DA  B 1 6  ? -8.735  1.862   1.152   1.00 33.03 ? 18  DA  B "O5'" 1 
ATOM   357 C  "C5'" . DA  B 1 6  ? -9.202  0.601   0.869   1.00 30.35 ? 18  DA  B "C5'" 1 
ATOM   358 C  "C4'" . DA  B 1 6  ? -8.168  -0.445  1.316   1.00 28.45 ? 18  DA  B "C4'" 1 
ATOM   359 O  "O4'" . DA  B 1 6  ? -6.951  -0.262  0.482   1.00 28.34 ? 18  DA  B "O4'" 1 
ATOM   360 C  "C3'" . DA  B 1 6  ? -7.728  -0.314  2.736   1.00 29.40 ? 18  DA  B "C3'" 1 
ATOM   361 O  "O3'" . DA  B 1 6  ? -7.947  -1.627  3.344   1.00 32.25 ? 18  DA  B "O3'" 1 
ATOM   362 C  "C2'" . DA  B 1 6  ? -6.263  0.166   2.620   1.00 29.05 ? 18  DA  B "C2'" 1 
ATOM   363 C  "C1'" . DA  B 1 6  ? -5.815  -0.395  1.247   1.00 22.90 ? 18  DA  B "C1'" 1 
ATOM   364 N  N9    . DA  B 1 6  ? -4.761  0.348   0.618   1.00 20.68 ? 18  DA  B N9    1 
ATOM   365 C  C8    . DA  B 1 6  ? -4.685  1.658   0.360   1.00 21.65 ? 18  DA  B C8    1 
ATOM   366 N  N7    . DA  B 1 6  ? -3.629  2.035   -0.325  1.00 21.65 ? 18  DA  B N7    1 
ATOM   367 C  C5    . DA  B 1 6  ? -2.951  0.887   -0.587  1.00 18.71 ? 18  DA  B C5    1 
ATOM   368 C  C6    . DA  B 1 6  ? -1.734  0.646   -1.270  1.00 18.70 ? 18  DA  B C6    1 
ATOM   369 N  N6    . DA  B 1 6  ? -0.999  1.605   -1.904  1.00 19.63 ? 18  DA  B N6    1 
ATOM   370 N  N1    . DA  B 1 6  ? -1.314  -0.628  -1.319  1.00 17.76 ? 18  DA  B N1    1 
ATOM   371 C  C2    . DA  B 1 6  ? -2.057  -1.558  -0.707  1.00 18.56 ? 18  DA  B C2    1 
ATOM   372 N  N3    . DA  B 1 6  ? -3.225  -1.440  -0.068  1.00 20.73 ? 18  DA  B N3    1 
ATOM   373 C  C4    . DA  B 1 6  ? -3.613  -0.182  -0.005  1.00 19.12 ? 18  DA  B C4    1 
ATOM   374 P  P     . DT  B 1 7  ? -7.592  -1.897  4.887   1.00 36.35 ? 19  DT  B P     1 
ATOM   375 O  OP1   . DT  B 1 7  ? -8.416  -3.058  5.226   1.00 41.49 ? 19  DT  B OP1   1 
ATOM   376 O  OP2   . DT  B 1 7  ? -7.616  -0.643  5.651   1.00 35.64 ? 19  DT  B OP2   1 
ATOM   377 O  "O5'" . DT  B 1 7  ? -6.058  -2.387  4.847   1.00 30.11 ? 19  DT  B "O5'" 1 
ATOM   378 C  "C5'" . DT  B 1 7  ? -5.742  -3.587  4.160   1.00 25.99 ? 19  DT  B "C5'" 1 
ATOM   379 C  "C4'" . DT  B 1 7  ? -4.250  -3.664  4.123   1.00 28.21 ? 19  DT  B "C4'" 1 
ATOM   380 O  "O4'" . DT  B 1 7  ? -3.735  -2.534  3.363   1.00 25.33 ? 19  DT  B "O4'" 1 
ATOM   381 C  "C3'" . DT  B 1 7  ? -3.553  -3.564  5.425   1.00 28.43 ? 19  DT  B "C3'" 1 
ATOM   382 O  "O3'" . DT  B 1 7  ? -3.213  -4.861  5.883   1.00 30.41 ? 19  DT  B "O3'" 1 
ATOM   383 C  "C2'" . DT  B 1 7  ? -2.319  -2.665  5.207   1.00 28.70 ? 19  DT  B "C2'" 1 
ATOM   384 C  "C1'" . DT  B 1 7  ? -2.366  -2.423  3.690   1.00 22.43 ? 19  DT  B "C1'" 1 
ATOM   385 N  N1    . DT  B 1 7  ? -1.856  -1.156  3.194   1.00 23.45 ? 19  DT  B N1    1 
ATOM   386 C  C2    . DT  B 1 7  ? -0.699  -1.168  2.431   1.00 23.15 ? 19  DT  B C2    1 
ATOM   387 O  O2    . DT  B 1 7  ? -0.094  -2.159  2.195   1.00 24.39 ? 19  DT  B O2    1 
ATOM   388 N  N3    . DT  B 1 7  ? -0.345  0.043   1.955   1.00 20.92 ? 19  DT  B N3    1 
ATOM   389 C  C4    . DT  B 1 7  ? -0.981  1.262   2.170   1.00 21.47 ? 19  DT  B C4    1 
ATOM   390 O  O4    . DT  B 1 7  ? -0.540  2.289   1.670   1.00 20.56 ? 19  DT  B O4    1 
ATOM   391 C  C5    . DT  B 1 7  ? -2.140  1.231   3.051   1.00 19.90 ? 19  DT  B C5    1 
ATOM   392 C  C7    . DT  B 1 7  ? -2.920  2.446   3.364   1.00 24.31 ? 19  DT  B C7    1 
ATOM   393 C  C6    . DT  B 1 7  ? -2.529  0.014   3.436   1.00 22.06 ? 19  DT  B C6    1 
ATOM   394 P  P     . DT  B 1 8  ? -2.305  -5.070  7.178   1.00 33.77 ? 20  DT  B P     1 
ATOM   395 O  OP1   . DT  B 1 8  ? -2.617  -6.492  7.531   1.00 36.74 ? 20  DT  B OP1   1 
ATOM   396 O  OP2   . DT  B 1 8  ? -2.443  -4.052  8.237   1.00 33.08 ? 20  DT  B OP2   1 
ATOM   397 O  "O5'" . DT  B 1 8  ? -0.812  -5.103  6.671   1.00 31.06 ? 20  DT  B "O5'" 1 
ATOM   398 C  "C5'" . DT  B 1 8  ? -0.487  -5.926  5.588   1.00 29.08 ? 20  DT  B "C5'" 1 
ATOM   399 C  "C4'" . DT  B 1 8  ? 0.971   -5.687  5.251   1.00 28.86 ? 20  DT  B "C4'" 1 
ATOM   400 O  "O4'" . DT  B 1 8  ? 1.126   -4.316  4.696   1.00 25.65 ? 20  DT  B "O4'" 1 
ATOM   401 C  "C3'" . DT  B 1 8  ? 1.949   -5.799  6.438   1.00 29.43 ? 20  DT  B "C3'" 1 
ATOM   402 O  "O3'" . DT  B 1 8  ? 2.947   -6.684  5.989   1.00 35.70 ? 20  DT  B "O3'" 1 
ATOM   403 C  "C2'" . DT  B 1 8  ? 2.465   -4.385  6.700   1.00 29.80 ? 20  DT  B "C2'" 1 
ATOM   404 C  "C1'" . DT  B 1 8  ? 2.346   -3.776  5.257   1.00 24.29 ? 20  DT  B "C1'" 1 
ATOM   405 N  N1    . DT  B 1 8  ? 2.119   -2.305  5.204   1.00 22.38 ? 20  DT  B N1    1 
ATOM   406 C  C2    . DT  B 1 8  ? 2.889   -1.529  4.382   1.00 21.63 ? 20  DT  B C2    1 
ATOM   407 O  O2    . DT  B 1 8  ? 3.838   -1.916  3.730   1.00 25.40 ? 20  DT  B O2    1 
ATOM   408 N  N3    . DT  B 1 8  ? 2.528   -0.202  4.355   1.00 22.47 ? 20  DT  B N3    1 
ATOM   409 C  C4    . DT  B 1 8  ? 1.499   0.396   5.027   1.00 23.20 ? 20  DT  B C4    1 
ATOM   410 O  O4    . DT  B 1 8  ? 1.212   1.589   4.870   1.00 23.91 ? 20  DT  B O4    1 
ATOM   411 C  C5    . DT  B 1 8  ? 0.731   -0.449  5.904   1.00 21.89 ? 20  DT  B C5    1 
ATOM   412 C  C7    . DT  B 1 8  ? -0.358  0.129   6.720   1.00 23.88 ? 20  DT  B C7    1 
ATOM   413 C  C6    . DT  B 1 8  ? 1.066   -1.762  5.974   1.00 21.84 ? 20  DT  B C6    1 
ATOM   414 P  P     . DT  B 1 9  ? 4.064   -7.203  7.051   1.00 39.93 ? 21  DT  B P     1 
ATOM   415 O  OP1   . DT  B 1 9  ? 4.370   -8.530  6.475   1.00 39.73 ? 21  DT  B OP1   1 
ATOM   416 O  OP2   . DT  B 1 9  ? 3.613   -6.913  8.425   1.00 39.44 ? 21  DT  B OP2   1 
ATOM   417 O  "O5'" . DT  B 1 9  ? 5.322   -6.272  6.809   1.00 34.00 ? 21  DT  B "O5'" 1 
ATOM   418 C  "C5'" . DT  B 1 9  ? 5.850   -6.120  5.520   1.00 29.48 ? 21  DT  B "C5'" 1 
ATOM   419 C  "C4'" . DT  B 1 9  ? 6.643   -4.818  5.442   1.00 33.03 ? 21  DT  B "C4'" 1 
ATOM   420 O  "O4'" . DT  B 1 9  ? 5.720   -3.753  5.683   1.00 31.87 ? 21  DT  B "O4'" 1 
ATOM   421 C  "C3'" . DT  B 1 9  ? 7.584   -4.679  6.611   1.00 32.02 ? 21  DT  B "C3'" 1 
ATOM   422 O  "O3'" . DT  B 1 9  ? 8.855   -5.278  6.138   1.00 34.03 ? 21  DT  B "O3'" 1 
ATOM   423 C  "C2'" . DT  B 1 9  ? 7.698   -3.177  6.851   1.00 32.53 ? 21  DT  B "C2'" 1 
ATOM   424 C  "C1'" . DT  B 1 9  ? 6.407   -2.620  6.263   1.00 32.06 ? 21  DT  B "C1'" 1 
ATOM   425 N  N1    . DT  B 1 9  ? 5.440   -2.030  7.315   1.00 34.60 ? 21  DT  B N1    1 
ATOM   426 C  C2    . DT  B 1 9  ? 5.014   -0.707  7.176   1.00 37.29 ? 21  DT  B C2    1 
ATOM   427 O  O2    . DT  B 1 9  ? 5.433   0.006   6.289   1.00 31.93 ? 21  DT  B O2    1 
ATOM   428 N  N3    . DT  B 1 9  ? 4.093   -0.320  8.109   1.00 34.49 ? 21  DT  B N3    1 
ATOM   429 C  C4    . DT  B 1 9  ? 3.631   -1.086  9.187   1.00 39.03 ? 21  DT  B C4    1 
ATOM   430 O  O4    . DT  B 1 9  ? 2.844   -0.608  10.005  1.00 39.82 ? 21  DT  B O4    1 
ATOM   431 C  C5    . DT  B 1 9  ? 4.110   -2.453  9.300   1.00 39.36 ? 21  DT  B C5    1 
ATOM   432 C  C7    . DT  B 1 9  ? 3.647   -3.355  10.429  1.00 43.86 ? 21  DT  B C7    1 
ATOM   433 C  C6    . DT  B 1 9  ? 4.973   -2.843  8.368   1.00 38.83 ? 21  DT  B C6    1 
ATOM   434 P  P     . DG  B 1 10 ? 10.058  -5.472  7.178   1.00 37.01 ? 22  DG  B P     1 
ATOM   435 O  OP1   . DG  B 1 10 ? 11.047  -6.327  6.522   1.00 39.34 ? 22  DG  B OP1   1 
ATOM   436 O  OP2   . DG  B 1 10 ? 9.578   -5.700  8.586   1.00 34.27 ? 22  DG  B OP2   1 
ATOM   437 O  "O5'" . DG  B 1 10 ? 10.740  -4.008  7.275   1.00 35.68 ? 22  DG  B "O5'" 1 
ATOM   438 C  "C5'" . DG  B 1 10 ? 11.238  -3.365  6.088   1.00 32.33 ? 22  DG  B "C5'" 1 
ATOM   439 C  "C4'" . DG  B 1 10 ? 11.650  -1.957  6.544   1.00 36.36 ? 22  DG  B "C4'" 1 
ATOM   440 O  "O4'" . DG  B 1 10 ? 10.470  -1.160  6.825   1.00 34.94 ? 22  DG  B "O4'" 1 
ATOM   441 C  "C3'" . DG  B 1 10 ? 12.463  -1.919  7.817   1.00 35.57 ? 22  DG  B "C3'" 1 
ATOM   442 O  "O3'" . DG  B 1 10 ? 13.480  -0.991  7.582   1.00 37.07 ? 22  DG  B "O3'" 1 
ATOM   443 C  "C2'" . DG  B 1 10 ? 11.483  -1.447  8.879   1.00 33.99 ? 22  DG  B "C2'" 1 
ATOM   444 C  "C1'" . DG  B 1 10 ? 10.734  -0.457  8.059   1.00 32.58 ? 22  DG  B "C1'" 1 
ATOM   445 N  N9    . DG  B 1 10 ? 9.469   -0.103  8.607   1.00 29.70 ? 22  DG  B N9    1 
ATOM   446 C  C8    . DG  B 1 10 ? 8.568   -0.781  9.327   1.00 30.92 ? 22  DG  B C8    1 
ATOM   447 N  N7    . DG  B 1 10 ? 7.470   -0.116  9.659   1.00 26.35 ? 22  DG  B N7    1 
ATOM   448 C  C5    . DG  B 1 10 ? 7.697   1.124   9.045   1.00 24.49 ? 22  DG  B C5    1 
ATOM   449 C  C6    . DG  B 1 10 ? 6.868   2.241   8.974   1.00 21.84 ? 22  DG  B C6    1 
ATOM   450 O  O6    . DG  B 1 10 ? 5.784   2.431   9.470   1.00 24.44 ? 22  DG  B O6    1 
ATOM   451 N  N1    . DG  B 1 10 ? 7.502   3.265   8.264   1.00 21.84 ? 22  DG  B N1    1 
ATOM   452 C  C2    . DG  B 1 10 ? 8.691   3.233   7.663   1.00 23.58 ? 22  DG  B C2    1 
ATOM   453 N  N2    . DG  B 1 10 ? 9.136   4.303   7.020   1.00 24.40 ? 22  DG  B N2    1 
ATOM   454 N  N3    . DG  B 1 10 ? 9.461   2.118   7.668   1.00 26.30 ? 22  DG  B N3    1 
ATOM   455 C  C4    . DG  B 1 10 ? 8.878   1.175   8.395   1.00 25.96 ? 22  DG  B C4    1 
ATOM   456 P  P     . DC  B 1 11 ? 14.986  -1.265  8.143   1.00 41.72 ? 23  DC  B P     1 
ATOM   457 O  OP1   . DC  B 1 11 ? 15.513  -2.311  7.179   1.00 44.97 ? 23  DC  B OP1   1 
ATOM   458 O  OP2   . DC  B 1 11 ? 14.910  -1.406  9.639   1.00 40.30 ? 23  DC  B OP2   1 
ATOM   459 O  "O5'" . DC  B 1 11 ? 15.676  0.155   7.745   1.00 39.86 ? 23  DC  B "O5'" 1 
ATOM   460 C  "C5'" . DC  B 1 11 ? 15.544  0.712   6.386   1.00 38.06 ? 23  DC  B "C5'" 1 
ATOM   461 C  "C4'" . DC  B 1 11 ? 15.389  2.223   6.525   1.00 38.52 ? 23  DC  B "C4'" 1 
ATOM   462 O  "O4'" . DC  B 1 11 ? 14.048  2.466   7.007   1.00 37.02 ? 23  DC  B "O4'" 1 
ATOM   463 C  "C3'" . DC  B 1 11 ? 16.364  2.865   7.511   1.00 41.20 ? 23  DC  B "C3'" 1 
ATOM   464 O  "O3'" . DC  B 1 11 ? 17.182  3.880   6.877   1.00 38.48 ? 23  DC  B "O3'" 1 
ATOM   465 C  "C2'" . DC  B 1 11 ? 15.529  3.440   8.649   1.00 38.67 ? 23  DC  B "C2'" 1 
ATOM   466 C  "C1'" . DC  B 1 11 ? 14.141  3.547   8.022   1.00 37.72 ? 23  DC  B "C1'" 1 
ATOM   467 N  N1    . DC  B 1 11 ? 13.104  3.192   9.021   1.00 31.21 ? 23  DC  B N1    1 
ATOM   468 C  C2    . DC  B 1 11 ? 12.053  4.079   9.230   1.00 30.00 ? 23  DC  B C2    1 
ATOM   469 O  O2    . DC  B 1 11 ? 12.046  5.093   8.579   1.00 29.59 ? 23  DC  B O2    1 
ATOM   470 N  N3    . DC  B 1 11 ? 11.074  3.728   10.085  1.00 27.93 ? 23  DC  B N3    1 
ATOM   471 C  C4    . DC  B 1 11 ? 11.130  2.602   10.737  1.00 27.00 ? 23  DC  B C4    1 
ATOM   472 N  N4    . DC  B 1 11 ? 10.173  2.223   11.519  1.00 27.67 ? 23  DC  B N4    1 
ATOM   473 C  C5    . DC  B 1 11 ? 12.231  1.662   10.577  1.00 29.11 ? 23  DC  B C5    1 
ATOM   474 C  C6    . DC  B 1 11 ? 13.136  2.018   9.697   1.00 29.85 ? 23  DC  B C6    1 
ATOM   475 P  P     . DG  B 1 12 ? 18.391  4.547   7.697   1.00 41.48 ? 24  DG  B P     1 
ATOM   476 O  OP1   . DG  B 1 12 ? 19.426  4.917   6.709   1.00 45.33 ? 24  DG  B OP1   1 
ATOM   477 O  OP2   . DG  B 1 12 ? 18.570  3.882   9.032   1.00 39.23 ? 24  DG  B OP2   1 
ATOM   478 O  "O5'" . DG  B 1 12 ? 17.806  5.935   8.267   1.00 36.74 ? 24  DG  B "O5'" 1 
ATOM   479 C  "C5'" . DG  B 1 12 ? 17.148  6.830   7.373   1.00 33.96 ? 24  DG  B "C5'" 1 
ATOM   480 C  "C4'" . DG  B 1 12 ? 16.480  7.916   8.222   1.00 27.17 ? 24  DG  B "C4'" 1 
ATOM   481 O  "O4'" . DG  B 1 12 ? 15.320  7.340   8.778   1.00 29.06 ? 24  DG  B "O4'" 1 
ATOM   482 C  "C3'" . DG  B 1 12 ? 17.343  8.417   9.380   1.00 32.24 ? 24  DG  B "C3'" 1 
ATOM   483 O  "O3'" . DG  B 1 12 ? 17.684  9.782   9.287   1.00 33.55 ? 24  DG  B "O3'" 1 
ATOM   484 C  "C2'" . DG  B 1 12 ? 16.514  8.253   10.614  1.00 30.65 ? 24  DG  B "C2'" 1 
ATOM   485 C  "C1'" . DG  B 1 12 ? 15.143  7.821   10.126  1.00 27.94 ? 24  DG  B "C1'" 1 
ATOM   486 N  N9    . DG  B 1 12 ? 14.671  6.690   10.943  1.00 27.55 ? 24  DG  B N9    1 
ATOM   487 C  C8    . DG  B 1 12 ? 15.312  5.509   11.194  1.00 28.47 ? 24  DG  B C8    1 
ATOM   488 N  N7    . DG  B 1 12 ? 14.650  4.701   11.954  1.00 26.13 ? 24  DG  B N7    1 
ATOM   489 C  C5    . DG  B 1 12 ? 13.470  5.378   12.225  1.00 23.39 ? 24  DG  B C5    1 
ATOM   490 C  C6    . DG  B 1 12 ? 12.313  5.017   12.941  1.00 24.27 ? 24  DG  B C6    1 
ATOM   491 O  O6    . DG  B 1 12 ? 12.109  3.968   13.587  1.00 26.11 ? 24  DG  B O6    1 
ATOM   492 N  N1    . DG  B 1 12 ? 11.368  6.020   12.974  1.00 23.05 ? 24  DG  B N1    1 
ATOM   493 C  C2    . DG  B 1 12 ? 11.450  7.229   12.333  1.00 23.54 ? 24  DG  B C2    1 
ATOM   494 N  N2    . DG  B 1 12 ? 10.471  8.076   12.522  1.00 22.74 ? 24  DG  B N2    1 
ATOM   495 N  N3    . DG  B 1 12 ? 12.526  7.570   11.617  1.00 23.34 ? 24  DG  B N3    1 
ATOM   496 C  C4    . DG  B 1 12 ? 13.462  6.633   11.588  1.00 23.64 ? 24  DG  B C4    1 
HETATM 497 O  O1    . HT  C 2 .  ? -8.092  -4.324  0.327   1.00 51.60 ? 101 HT  A O1    1 
HETATM 498 C  C1    . HT  C 2 .  ? -6.764  -4.546  0.530   1.00 45.28 ? 101 HT  A C1    1 
HETATM 499 C  C4    . HT  C 2 .  ? -3.993  -5.239  1.071   1.00 45.82 ? 101 HT  A C4    1 
HETATM 500 C  C2    . HT  C 2 .  ? -6.333  -5.778  1.035   1.00 44.05 ? 101 HT  A C2    1 
HETATM 501 C  C3    . HT  C 2 .  ? -5.016  -6.116  1.305   1.00 47.01 ? 101 HT  A C3    1 
HETATM 502 C  C6    . HT  C 2 .  ? -5.744  -3.638  0.291   1.00 46.46 ? 101 HT  A C6    1 
HETATM 503 C  C5    . HT  C 2 .  ? -4.396  -3.988  0.577   1.00 49.19 ? 101 HT  A C5    1 
HETATM 504 C  C7    . HT  C 2 .  ? -2.580  -5.619  1.357   1.00 44.91 ? 101 HT  A C7    1 
HETATM 505 N  N1    . HT  C 2 .  ? -1.613  -4.765  1.171   1.00 40.82 ? 101 HT  A N1    1 
HETATM 506 C  C8    . HT  C 2 .  ? -0.390  -5.255  1.468   1.00 36.07 ? 101 HT  A C8    1 
HETATM 507 C  C9    . HT  C 2 .  ? -0.699  -6.598  1.910   1.00 40.65 ? 101 HT  A C9    1 
HETATM 508 N  N2    . HT  C 2 .  ? -2.037  -6.787  1.859   1.00 42.63 ? 101 HT  A N2    1 
HETATM 509 C  C10   . HT  C 2 .  ? 0.377   -7.363  2.250   1.00 35.19 ? 101 HT  A C10   1 
HETATM 510 C  C11   . HT  C 2 .  ? 1.688   -6.926  2.236   1.00 43.45 ? 101 HT  A C11   1 
HETATM 511 C  C12   . HT  C 2 .  ? 1.958   -5.653  1.825   1.00 40.78 ? 101 HT  A C12   1 
HETATM 512 C  C13   . HT  C 2 .  ? 0.889   -4.793  1.470   1.00 38.93 ? 101 HT  A C13   1 
HETATM 513 C  C14   . HT  C 2 .  ? 3.270   -5.341  1.890   1.00 42.44 ? 101 HT  A C14   1 
HETATM 514 N  N3    . HT  C 2 .  ? 3.777   -4.142  1.586   1.00 45.25 ? 101 HT  A N3    1 
HETATM 515 C  C15   . HT  C 2 .  ? 5.119   -4.151  1.728   1.00 48.84 ? 101 HT  A C15   1 
HETATM 516 C  C16   . HT  C 2 .  ? 5.439   -5.514  2.174   1.00 49.47 ? 101 HT  A C16   1 
HETATM 517 N  N4    . HT  C 2 .  ? 4.253   -6.236  2.266   1.00 43.34 ? 101 HT  A N4    1 
HETATM 518 C  C17   . HT  C 2 .  ? 6.804   -5.756  2.410   1.00 51.88 ? 101 HT  A C17   1 
HETATM 519 C  C18   . HT  C 2 .  ? 7.828   -4.786  2.220   1.00 53.67 ? 101 HT  A C18   1 
HETATM 520 C  C19   . HT  C 2 .  ? 7.539   -3.510  1.778   1.00 52.38 ? 101 HT  A C19   1 
HETATM 521 C  C20   . HT  C 2 .  ? 6.178   -3.215  1.547   1.00 51.59 ? 101 HT  A C20   1 
HETATM 522 N  N5    . HT  C 2 .  ? 8.560   -2.525  1.601   1.00 57.83 ? 101 HT  A N5    1 
HETATM 523 C  C21   . HT  C 2 .  ? 9.857   -2.796  2.291   1.00 56.10 ? 101 HT  A C21   1 
HETATM 524 C  C22   . HT  C 2 .  ? 10.857  -1.594  2.273   1.00 59.08 ? 101 HT  A C22   1 
HETATM 525 N  N6    . HT  C 2 .  ? 10.307  -0.247  2.636   1.00 59.71 ? 101 HT  A N6    1 
HETATM 526 C  C23   . HT  C 2 .  ? 9.009   -0.025  1.938   1.00 57.90 ? 101 HT  A C23   1 
HETATM 527 C  C24   . HT  C 2 .  ? 8.049   -1.233  2.149   1.00 55.73 ? 101 HT  A C24   1 
HETATM 528 C  C25   . HT  C 2 .  ? 11.260  0.884   2.408   1.00 58.07 ? 101 HT  A C25   1 
HETATM 529 MG MG    . MG  D 3 .  ? 4.129   2.067   13.316  1.00 29.27 ? 102 MG  A MG    1 
HETATM 530 O  O     . HOH E 4 .  ? 7.010   1.333   -4.961  1.00 44.86 ? 201 HOH A O     1 
HETATM 531 O  O     . HOH E 4 .  ? 1.949   2.441   -5.207  1.00 35.68 ? 202 HOH A O     1 
HETATM 532 O  O     . HOH E 4 .  ? 1.936   5.273   14.680  1.00 31.88 ? 203 HOH A O     1 
HETATM 533 O  O     . HOH E 4 .  ? 3.894   4.063   13.216  1.00 26.95 ? 204 HOH A O     1 
HETATM 534 O  O     . HOH E 4 .  ? 6.224   2.304   13.027  1.00 30.91 ? 205 HOH A O     1 
HETATM 535 O  O     . HOH E 4 .  ? -11.021 -2.518  -5.416  1.00 42.46 ? 206 HOH A O     1 
HETATM 536 O  O     . HOH E 4 .  ? -10.828 -8.909  -9.096  1.00 36.29 ? 207 HOH A O     1 
HETATM 537 O  O     . HOH E 4 .  ? -13.458 0.719   -10.689 1.00 38.43 ? 208 HOH A O     1 
HETATM 538 O  O     . HOH E 4 .  ? 2.481   6.370   5.177   1.00 33.89 ? 209 HOH A O     1 
HETATM 539 O  O     . HOH E 4 .  ? 5.458   15.927  8.053   1.00 33.88 ? 210 HOH A O     1 
HETATM 540 O  O     . HOH E 4 .  ? 1.235   2.096   9.758   1.00 40.00 ? 211 HOH A O     1 
HETATM 541 O  O     . HOH E 4 .  ? 1.835   5.275   10.734  1.00 41.91 ? 212 HOH A O     1 
HETATM 542 O  O     . HOH E 4 .  ? 1.110   -1.215  -7.450  1.00 36.41 ? 213 HOH A O     1 
HETATM 543 O  O     . HOH E 4 .  ? -14.057 -8.691  -9.448  1.00 67.94 ? 214 HOH A O     1 
HETATM 544 O  O     . HOH E 4 .  ? -3.791  -6.490  -10.043 1.00 41.74 ? 215 HOH A O     1 
HETATM 545 O  O     . HOH E 4 .  ? 9.039   -8.116  -1.597  1.00 43.00 ? 216 HOH A O     1 
HETATM 546 O  O     . HOH E 4 .  ? 5.714   -3.756  -5.795  1.00 28.91 ? 217 HOH A O     1 
HETATM 547 O  O     . HOH E 4 .  ? 4.448   -5.845  -6.944  1.00 40.69 ? 218 HOH A O     1 
HETATM 548 O  O     . HOH E 4 .  ? 4.391   -13.623 0.226   1.00 56.10 ? 219 HOH A O     1 
HETATM 549 O  O     . HOH E 4 .  ? 2.524   9.075   0.882   1.00 46.02 ? 220 HOH A O     1 
HETATM 550 O  O     . HOH E 4 .  ? 4.355   -10.236 0.435   1.00 57.50 ? 221 HOH A O     1 
HETATM 551 O  O     . HOH E 4 .  ? -14.605 2.155   -4.044  1.00 56.23 ? 222 HOH A O     1 
HETATM 552 O  O     . HOH E 4 .  ? -17.006 4.099   -3.310  1.00 49.51 ? 223 HOH A O     1 
HETATM 553 O  O     . HOH E 4 .  ? -17.086 7.343   -4.192  1.00 46.28 ? 224 HOH A O     1 
HETATM 554 O  O     . HOH E 4 .  ? -10.483 -10.426 -6.625  1.00 52.84 ? 225 HOH A O     1 
HETATM 555 O  O     . HOH E 4 .  ? -13.269 -10.266 -3.425  1.00 46.12 ? 226 HOH A O     1 
HETATM 556 O  O     . HOH E 4 .  ? 0.921   15.354  7.448   1.00 46.62 ? 227 HOH A O     1 
HETATM 557 O  O     . HOH E 4 .  ? -0.755  14.679  9.411   1.00 60.44 ? 228 HOH A O     1 
HETATM 558 O  O     . HOH E 4 .  ? -6.665  -11.952 0.332   1.00 51.54 ? 229 HOH A O     1 
HETATM 559 O  O     . HOH E 4 .  ? -16.347 -6.209  -9.493  1.00 42.90 ? 230 HOH A O     1 
HETATM 560 O  O     . HOH E 4 .  ? -14.045 -4.565  -1.506  1.00 47.46 ? 231 HOH A O     1 
HETATM 561 O  O     . HOH E 4 .  ? -8.482  -10.110 -4.638  1.00 37.42 ? 232 HOH A O     1 
HETATM 562 O  O     . HOH E 4 .  ? -7.108  -3.587  -4.423  1.00 35.76 ? 233 HOH A O     1 
HETATM 563 O  O     . HOH E 4 .  ? 3.394   3.879   -3.306  1.00 38.13 ? 234 HOH A O     1 
HETATM 564 O  O     . HOH E 4 .  ? 1.581   4.655   -2.031  1.00 35.07 ? 235 HOH A O     1 
HETATM 565 O  O     . HOH E 4 .  ? -18.615 -2.283  -7.919  1.00 36.73 ? 236 HOH A O     1 
HETATM 566 O  O     . HOH E 4 .  ? 4.187   15.438  4.538   1.00 35.84 ? 237 HOH A O     1 
HETATM 567 O  O     . HOH E 4 .  ? 2.562   16.587  6.308   1.00 34.17 ? 238 HOH A O     1 
HETATM 568 O  O     . HOH E 4 .  ? 1.038   7.678   12.000  1.00 35.54 ? 239 HOH A O     1 
HETATM 569 O  O     . HOH E 4 .  ? 1.498   10.403  4.940   1.00 34.69 ? 240 HOH A O     1 
HETATM 570 O  O     . HOH E 4 .  ? 6.622   15.280  4.201   1.00 34.66 ? 241 HOH A O     1 
HETATM 571 O  O     . HOH E 4 .  ? -14.312 -8.556  -1.141  1.00 35.39 ? 242 HOH A O     1 
HETATM 572 O  O     . HOH F 4 .  ? -3.030  4.780   -0.831  1.00 36.13 ? 101 HOH B O     1 
HETATM 573 O  O     . HOH F 4 .  ? 3.952   1.794   11.297  1.00 27.55 ? 102 HOH B O     1 
HETATM 574 O  O     . HOH F 4 .  ? 4.579   -0.115  13.502  1.00 33.77 ? 103 HOH B O     1 
HETATM 575 O  O     . HOH F 4 .  ? 6.131   -1.194  11.812  1.00 33.05 ? 104 HOH B O     1 
HETATM 576 O  O     . HOH F 4 .  ? 10.399  -0.467  12.736  1.00 40.13 ? 105 HOH B O     1 
HETATM 577 O  O     . HOH F 4 .  ? 4.552   2.071   15.310  1.00 31.20 ? 106 HOH B O     1 
HETATM 578 O  O     . HOH F 4 .  ? 0.296   -3.019  9.093   1.00 33.70 ? 107 HOH B O     1 
HETATM 579 O  O     . HOH F 4 .  ? -11.301 1.585   4.144   1.00 44.52 ? 108 HOH B O     1 
HETATM 580 O  O     . HOH F 4 .  ? -4.220  0.322   6.486   1.00 33.27 ? 109 HOH B O     1 
HETATM 581 O  O     . HOH F 4 .  ? -11.346 -10.632 -11.541 1.00 47.01 ? 110 HOH B O     1 
HETATM 582 O  O     . HOH F 4 .  ? -5.165  -6.487  -12.594 1.00 46.96 ? 111 HOH B O     1 
HETATM 583 O  O     . HOH F 4 .  ? -1.535  -3.944  -11.958 1.00 39.61 ? 112 HOH B O     1 
HETATM 584 O  O     . HOH F 4 .  ? -1.548  1.406   -12.654 1.00 42.36 ? 113 HOH B O     1 
HETATM 585 O  O     . HOH F 4 .  ? -4.873  3.312   -18.964 1.00 40.89 ? 114 HOH B O     1 
HETATM 586 O  O     . HOH F 4 .  ? -6.427  3.912   2.304   1.00 35.89 ? 115 HOH B O     1 
HETATM 587 O  O     . HOH F 4 .  ? 15.356  2.405   13.190  1.00 55.89 ? 116 HOH B O     1 
HETATM 588 O  O     . HOH F 4 .  ? 1.025   -5.819  10.008  1.00 40.58 ? 117 HOH B O     1 
HETATM 589 O  O     . HOH F 4 .  ? -1.091  4.592   -2.266  1.00 40.37 ? 118 HOH B O     1 
HETATM 590 O  O     . HOH F 4 .  ? -3.552  -1.487  8.488   1.00 41.43 ? 119 HOH B O     1 
HETATM 591 O  O     . HOH F 4 .  ? -0.584  3.500   5.827   1.00 34.38 ? 120 HOH B O     1 
HETATM 592 O  O     . HOH F 4 .  ? -6.970  2.971   4.846   1.00 46.04 ? 121 HOH B O     1 
HETATM 593 O  O     . HOH F 4 .  ? 6.892   -3.604  12.008  1.00 47.33 ? 122 HOH B O     1 
HETATM 594 O  O     . HOH F 4 .  ? 8.997   -3.904  10.158  1.00 39.35 ? 123 HOH B O     1 
HETATM 595 O  O     . HOH F 4 .  ? -2.683  -6.403  -14.552 1.00 56.33 ? 124 HOH B O     1 
HETATM 596 O  O     . HOH F 4 .  ? 7.579   0.235   5.203   1.00 40.84 ? 125 HOH B O     1 
HETATM 597 O  O     . HOH F 4 .  ? 6.259   0.745   17.487  1.00 41.29 ? 126 HOH B O     1 
HETATM 598 O  O     . HOH F 4 .  ? 2.005   1.711   13.790  1.00 37.62 ? 127 HOH B O     1 
HETATM 599 O  O     . HOH F 4 .  ? -0.037  -0.324  10.530  1.00 57.53 ? 128 HOH B O     1 
HETATM 600 O  O     . HOH F 4 .  ? -3.976  -9.725  -17.947 1.00 69.74 ? 129 HOH B O     1 
HETATM 601 O  O     . HOH F 4 .  ? 11.568  1.908   5.534   1.00 42.74 ? 130 HOH B O     1 
HETATM 602 O  O     . HOH F 4 .  ? 6.631   -9.749  4.240   1.00 53.13 ? 131 HOH B O     1 
HETATM 603 O  O     . HOH F 4 .  ? -0.715  2.924   -6.001  1.00 39.12 ? 132 HOH B O     1 
HETATM 604 O  O     . HOH F 4 .  ? -6.831  -7.674  -11.308 1.00 38.99 ? 133 HOH B O     1 
HETATM 605 O  O     . HOH F 4 .  ? -4.792  4.288   6.300   1.00 58.84 ? 134 HOH B O     1 
HETATM 606 O  O     . HOH F 4 .  ? -2.965  2.902   7.110   1.00 38.77 ? 135 HOH B O     1 
HETATM 607 O  O     . HOH F 4 .  ? -0.563  4.912   1.638   1.00 37.71 ? 136 HOH B O     1 
HETATM 608 O  O     . HOH F 4 .  ? -7.619  -2.250  -1.927  1.00 45.22 ? 137 HOH B O     1 
HETATM 609 O  O     . HOH F 4 .  ? -3.236  7.564   -4.683  1.00 56.23 ? 138 HOH B O     1 
HETATM 610 O  O     . HOH F 4 .  ? -1.907  0.700   -9.103  1.00 38.51 ? 139 HOH B O     1 
# 
